data_7RXA
#
_entry.id   7RXA
#
_cell.length_a   1.00
_cell.length_b   1.00
_cell.length_c   1.00
_cell.angle_alpha   90.00
_cell.angle_beta   90.00
_cell.angle_gamma   90.00
#
_symmetry.space_group_name_H-M   'P 1'
#
loop_
_entity.id
_entity.type
_entity.pdbx_description
1 polymer 'afTMEM16 lipid scramblase'
2 non-polymer '(1R)-2-{[(S)-{[(2S)-2,3-dihydroxypropyl]oxy}(hydroxy)phosphoryl]oxy}-1-[(hexadecanoyloxy)methyl]ethyl (9Z)-octadec-9-enoate'
#
_entity_poly.entity_id   1
_entity_poly.type   'polypeptide(L)'
_entity_poly.pdbx_seq_one_letter_code
;MAFNPAPKAVQENHHVDYVIRFNYGDIDTPEAIKKFEVLLLELSEVGLQTEVRQGDENSLFVFVRAASKKKLKRAVYQSR
VRDWLYGVRNTEPEPASSAKPQSEAERLLVIYHLITVPKAEGGAGITPRHGEWKNVDAIFPLHDEETNRQCMREWSKKTF
LSTEDLDRIRNTFGEHVGFYFAFLQSYFRFLMFPAAFGFSCWLLLGSFSIIYTVVNCLWCIVFIEYWKRQEEDLSCRWQT
KGVSAVHEKRAEFKPEKEIRDESTGEVRGVFPATKRMYRQLLQVPFALLAAVALGAIIATCFAIEIFISEVYNGPLKGYL
VFIPTILVSALIPTMSAVLLTVATKLNDYENYETQDAYKVALTQKIFVVNFITSYLPIILTAFVYVPFASRIVPYLDVFH
LTVRPFVSKEHAIKARTEFSINPDRLRKQVIYFTVTAQIVGFALETIVPFVKQRVFREYKEYTKKQHAKAEPGNGAGEKK
TVSLGDDEDEARFLTRVRNEAELEDYDVTDALRAMCIQFGYLALFSPVWPLVPVSFLINNWVELRSDFFKICVECKRPWP
QRADTIGPWLDSLGFLSWVGSITSSALVYMFSNGHEGPNGEPTTIRCWALLLTIFFSEHLYLIVRYAVRSALAKLEPPNT
RRERIERFMMRKRYLDTVLSAESDDDADEVKGVVSSIPPSEITRESLEQDARDWSKQGTDPTERFWMRQRGWKESAEVGL
SLITKAKGDETKKQQ
;
_entity_poly.pdbx_strand_id   A,B
#
loop_
_chem_comp.id
_chem_comp.type
_chem_comp.name
_chem_comp.formula
PGW non-polymer '(1R)-2-{[(S)-{[(2S)-2,3-dihydroxypropyl]oxy}(hydroxy)phosphoryl]oxy}-1-[(hexadecanoyloxy)methyl]ethyl (9Z)-octadec-9-enoate' 'C40 H77 O10 P'
#
# COMPACT_ATOMS: atom_id res chain seq x y z
N GLN A 11 31.71 34.87 9.59
CA GLN A 11 30.38 34.85 10.21
C GLN A 11 30.48 34.85 11.73
N GLU A 12 29.37 34.56 12.39
CA GLU A 12 29.38 34.46 13.86
C GLU A 12 30.16 33.24 14.31
N ASN A 13 29.77 32.05 13.83
CA ASN A 13 30.64 30.89 13.95
C ASN A 13 31.81 31.04 13.00
N HIS A 14 32.97 30.54 13.41
CA HIS A 14 34.20 30.73 12.65
C HIS A 14 34.32 29.70 11.53
N HIS A 15 33.36 29.76 10.60
CA HIS A 15 33.19 28.84 9.47
C HIS A 15 33.09 27.37 9.90
N VAL A 16 32.67 27.12 11.14
CA VAL A 16 32.72 25.79 11.71
C VAL A 16 31.52 24.98 11.20
N ASP A 17 31.81 23.86 10.54
CA ASP A 17 30.74 22.96 10.16
C ASP A 17 30.29 22.10 11.33
N TYR A 18 31.19 21.30 11.90
CA TYR A 18 30.83 20.45 13.03
C TYR A 18 31.87 20.58 14.12
N VAL A 19 31.57 20.03 15.28
CA VAL A 19 32.50 19.97 16.40
C VAL A 19 32.33 18.62 17.10
N ILE A 20 33.45 17.94 17.33
CA ILE A 20 33.48 16.54 17.74
C ILE A 20 34.12 16.49 19.12
N ARG A 21 33.34 16.09 20.13
CA ARG A 21 33.82 16.07 21.51
C ARG A 21 34.40 14.71 21.84
N PHE A 22 35.68 14.69 22.21
CA PHE A 22 36.43 13.48 22.54
C PHE A 22 36.70 13.52 24.04
N ASN A 23 36.14 12.57 24.78
CA ASN A 23 36.32 12.54 26.23
C ASN A 23 37.44 11.58 26.61
N TYR A 24 38.12 11.90 27.70
CA TYR A 24 39.24 11.08 28.16
C TYR A 24 39.15 10.85 29.67
N GLY A 25 37.94 10.94 30.21
CA GLY A 25 37.75 10.78 31.64
C GLY A 25 37.64 9.33 32.07
N ASP A 26 37.57 8.42 31.11
CA ASP A 26 37.46 7.00 31.39
C ASP A 26 38.57 6.16 30.77
N ILE A 27 39.56 6.78 30.15
CA ILE A 27 40.66 6.04 29.54
C ILE A 27 41.95 6.38 30.27
N ASP A 28 43.05 5.73 29.89
CA ASP A 28 44.34 5.97 30.51
C ASP A 28 45.01 7.19 29.89
N THR A 29 46.20 7.54 30.35
CA THR A 29 46.93 8.68 29.83
C THR A 29 47.55 8.32 28.47
N PRO A 30 48.14 7.13 28.35
CA PRO A 30 48.76 6.75 27.08
C PRO A 30 47.82 6.11 26.06
N GLU A 31 46.66 5.63 26.49
CA GLU A 31 45.69 5.04 25.57
C GLU A 31 44.89 6.10 24.82
N ALA A 32 44.65 7.26 25.43
CA ALA A 32 43.90 8.32 24.78
C ALA A 32 44.68 9.01 23.69
N ILE A 33 46.01 8.96 23.72
CA ILE A 33 46.81 9.61 22.69
C ILE A 33 46.83 8.83 21.39
N LYS A 34 46.46 7.55 21.41
CA LYS A 34 46.42 6.75 20.20
C LYS A 34 45.04 6.81 19.54
N LYS A 35 43.98 6.77 20.34
CA LYS A 35 42.63 6.90 19.81
C LYS A 35 42.37 8.29 19.26
N PHE A 36 43.06 9.31 19.79
CA PHE A 36 42.99 10.66 19.25
C PHE A 36 43.70 10.77 17.90
N GLU A 37 44.86 10.14 17.78
CA GLU A 37 45.59 10.13 16.51
C GLU A 37 44.84 9.33 15.45
N VAL A 38 44.16 8.26 15.85
CA VAL A 38 43.34 7.50 14.90
C VAL A 38 42.16 8.33 14.42
N LEU A 39 41.55 9.11 15.33
CA LEU A 39 40.43 9.98 14.95
C LEU A 39 40.89 11.08 14.01
N LEU A 40 42.04 11.69 14.29
CA LEU A 40 42.55 12.74 13.42
C LEU A 40 43.00 12.21 12.07
N LEU A 41 43.56 10.99 12.03
CA LEU A 41 43.95 10.41 10.75
C LEU A 41 42.73 10.00 9.94
N GLU A 42 41.67 9.51 10.60
CA GLU A 42 40.45 9.18 9.88
C GLU A 42 39.73 10.43 9.39
N LEU A 43 39.81 11.52 10.13
CA LEU A 43 39.23 12.79 9.68
C LEU A 43 40.07 13.45 8.59
N SER A 44 41.37 13.19 8.55
CA SER A 44 42.23 13.76 7.51
C SER A 44 42.32 12.90 6.27
N GLU A 45 41.90 11.63 6.36
CA GLU A 45 41.83 10.79 5.16
C GLU A 45 40.76 11.30 4.20
N VAL A 46 39.62 11.72 4.73
CA VAL A 46 38.68 12.51 3.95
C VAL A 46 39.08 13.98 4.04
N GLY A 47 38.51 14.80 3.15
CA GLY A 47 38.89 16.18 3.06
C GLY A 47 38.33 17.07 4.14
N LEU A 48 38.75 16.89 5.39
CA LEU A 48 38.26 17.68 6.51
C LEU A 48 39.44 18.29 7.25
N GLN A 49 39.40 19.61 7.43
CA GLN A 49 40.42 20.33 8.17
C GLN A 49 40.05 20.39 9.64
N THR A 50 40.96 19.96 10.50
CA THR A 50 40.69 19.82 11.92
C THR A 50 41.46 20.85 12.74
N GLU A 51 40.85 21.30 13.83
CA GLU A 51 41.48 22.24 14.76
C GLU A 51 41.05 21.87 16.17
N VAL A 52 42.02 21.71 17.06
CA VAL A 52 41.77 21.17 18.39
C VAL A 52 41.85 22.27 19.44
N ARG A 53 40.86 22.30 20.33
CA ARG A 53 40.86 23.21 21.47
C ARG A 53 40.37 22.47 22.70
N GLN A 54 40.63 23.05 23.87
CA GLN A 54 40.23 22.44 25.13
C GLN A 54 38.75 22.68 25.39
N GLY A 55 38.06 21.67 25.90
CA GLY A 55 36.66 21.81 26.24
C GLY A 55 36.38 21.81 27.72
N ASP A 56 35.84 20.71 28.23
CA ASP A 56 35.56 20.54 29.64
C ASP A 56 36.71 19.79 30.30
N GLU A 57 36.61 19.65 31.64
CA GLU A 57 37.73 19.21 32.45
C GLU A 57 38.13 17.75 32.19
N ASN A 58 37.29 17.00 31.49
CA ASN A 58 37.65 15.66 31.06
C ASN A 58 37.41 15.42 29.57
N SER A 59 37.28 16.47 28.76
CA SER A 59 36.95 16.28 27.36
C SER A 59 37.43 17.46 26.53
N LEU A 60 38.01 17.17 25.38
CA LEU A 60 38.46 18.21 24.45
C LEU A 60 37.75 17.98 23.13
N PHE A 61 37.36 19.05 22.44
CA PHE A 61 36.69 18.86 21.17
C PHE A 61 37.51 19.41 20.02
N VAL A 62 37.37 18.76 18.87
CA VAL A 62 38.00 19.20 17.63
C VAL A 62 36.95 19.87 16.77
N PHE A 63 37.38 20.69 15.83
CA PHE A 63 36.49 21.45 14.97
C PHE A 63 36.68 20.99 13.53
N VAL A 64 35.58 20.60 12.89
CA VAL A 64 35.62 19.96 11.59
C VAL A 64 35.04 20.92 10.56
N ARG A 65 35.82 21.21 9.52
CA ARG A 65 35.47 22.10 8.43
C ARG A 65 35.79 21.40 7.12
N ALA A 66 35.16 21.86 6.04
CA ALA A 66 35.56 21.43 4.70
C ALA A 66 36.96 21.97 4.40
N ALA A 67 37.89 21.05 4.12
CA ALA A 67 39.30 21.42 4.04
C ALA A 67 39.61 22.23 2.79
N SER A 68 38.91 21.98 1.70
CA SER A 68 39.12 22.72 0.46
C SER A 68 37.82 22.77 -0.31
N LYS A 69 37.80 23.53 -1.40
CA LYS A 69 36.63 23.55 -2.27
C LYS A 69 36.53 22.27 -3.08
N LYS A 70 37.68 21.69 -3.46
CA LYS A 70 37.67 20.45 -4.24
C LYS A 70 37.21 19.27 -3.39
N LYS A 71 37.63 19.22 -2.13
CA LYS A 71 37.21 18.15 -1.23
C LYS A 71 35.72 18.26 -0.91
N LEU A 72 35.23 19.50 -0.74
CA LEU A 72 33.80 19.70 -0.52
C LEU A 72 32.99 19.34 -1.76
N LYS A 73 33.50 19.65 -2.95
CA LYS A 73 32.80 19.28 -4.19
C LYS A 73 32.79 17.77 -4.37
N ARG A 74 33.88 17.10 -4.00
CA ARG A 74 33.91 15.64 -4.07
C ARG A 74 32.95 15.03 -3.06
N ALA A 75 32.81 15.66 -1.88
CA ALA A 75 31.86 15.17 -0.87
C ALA A 75 30.42 15.31 -1.34
N VAL A 76 30.08 16.47 -1.92
CA VAL A 76 28.73 16.68 -2.43
C VAL A 76 28.44 15.75 -3.59
N TYR A 77 29.45 15.49 -4.44
CA TYR A 77 29.25 14.58 -5.56
C TYR A 77 29.07 13.14 -5.09
N GLN A 78 29.82 12.73 -4.07
CA GLN A 78 29.69 11.36 -3.56
C GLN A 78 28.35 11.16 -2.86
N SER A 79 27.89 12.17 -2.11
CA SER A 79 26.58 12.07 -1.46
C SER A 79 25.44 12.10 -2.49
N ARG A 80 25.60 12.88 -3.56
CA ARG A 80 24.59 12.87 -4.62
C ARG A 80 24.59 11.56 -5.39
N VAL A 81 25.77 10.93 -5.54
CA VAL A 81 25.84 9.62 -6.18
C VAL A 81 25.16 8.57 -5.32
N ARG A 82 25.36 8.62 -4.00
CA ARG A 82 24.67 7.69 -3.11
C ARG A 82 23.16 7.91 -3.09
N ASP A 83 22.73 9.18 -3.15
CA ASP A 83 21.30 9.47 -3.20
C ASP A 83 20.67 9.09 -4.53
N TRP A 84 21.43 9.16 -5.62
CA TRP A 84 20.90 8.74 -6.92
C TRP A 84 20.90 7.23 -7.06
N LEU A 85 21.86 6.54 -6.42
CA LEU A 85 21.91 5.09 -6.50
C LEU A 85 20.89 4.44 -5.58
N TYR A 86 20.61 5.06 -4.44
CA TYR A 86 19.61 4.49 -3.54
C TYR A 86 18.18 4.84 -3.95
N GLY A 87 18.01 5.83 -4.84
CA GLY A 87 16.71 6.17 -5.37
C GLY A 87 16.14 7.49 -4.92
N VAL A 88 16.90 8.28 -4.14
CA VAL A 88 16.39 9.57 -3.69
C VAL A 88 16.45 10.59 -4.81
N ARG A 89 17.54 10.61 -5.56
CA ARG A 89 17.75 11.56 -6.65
C ARG A 89 17.45 10.90 -7.99
N ASN A 90 16.82 11.67 -8.88
CA ASN A 90 16.48 11.16 -10.21
C ASN A 90 16.97 12.13 -11.28
N THR A 91 18.22 12.55 -11.19
CA THR A 91 18.72 13.58 -12.09
C THR A 91 20.06 13.20 -12.73
N GLU A 92 20.68 12.10 -12.25
CA GLU A 92 21.94 11.55 -12.75
C GLU A 92 23.07 12.58 -12.67
N PRO A 93 23.58 12.86 -11.47
CA PRO A 93 24.42 14.05 -11.28
C PRO A 93 25.78 13.94 -11.96
N GLU A 94 26.40 15.09 -12.18
CA GLU A 94 27.68 15.17 -12.88
C GLU A 94 28.84 15.30 -11.89
N GLN A 102 25.07 23.55 -1.82
CA GLN A 102 23.77 24.04 -2.28
C GLN A 102 23.16 24.99 -1.26
N SER A 103 23.11 24.57 -0.01
CA SER A 103 22.55 25.39 1.06
C SER A 103 23.31 25.06 2.36
N GLU A 104 22.81 25.56 3.49
CA GLU A 104 23.46 25.27 4.76
C GLU A 104 23.16 23.85 5.22
N ALA A 105 21.90 23.41 5.06
CA ALA A 105 21.52 22.07 5.47
C ALA A 105 22.14 21.01 4.58
N GLU A 106 22.29 21.34 3.30
CA GLU A 106 22.90 20.40 2.31
C GLU A 106 24.39 20.22 2.63
N ARG A 107 25.09 21.31 2.96
CA ARG A 107 26.51 21.25 3.30
C ARG A 107 26.72 20.54 4.63
N LEU A 108 25.86 20.82 5.62
CA LEU A 108 25.97 20.14 6.90
C LEU A 108 25.65 18.65 6.78
N LEU A 109 24.73 18.29 5.89
CA LEU A 109 24.39 16.89 5.69
C LEU A 109 25.51 16.13 5.01
N VAL A 110 26.12 16.72 3.98
CA VAL A 110 27.22 16.02 3.33
C VAL A 110 28.48 15.99 4.19
N ILE A 111 28.66 16.95 5.09
CA ILE A 111 29.80 16.85 6.00
C ILE A 111 29.54 15.83 7.12
N TYR A 112 28.30 15.73 7.60
CA TYR A 112 27.95 14.67 8.54
C TYR A 112 28.01 13.29 7.89
N HIS A 113 27.74 13.18 6.61
CA HIS A 113 27.92 11.93 5.89
C HIS A 113 29.37 11.65 5.56
N LEU A 114 30.21 12.68 5.45
CA LEU A 114 31.65 12.49 5.45
C LEU A 114 32.17 11.94 6.76
N ILE A 115 31.68 12.42 7.90
CA ILE A 115 32.17 11.94 9.18
C ILE A 115 31.64 10.55 9.53
N THR A 116 30.33 10.31 9.37
CA THR A 116 29.69 9.14 9.96
C THR A 116 29.02 8.28 8.89
N VAL A 117 29.79 7.39 8.26
CA VAL A 117 29.28 6.33 7.40
C VAL A 117 30.11 5.07 7.64
N PRO A 118 29.87 3.99 6.91
CA PRO A 118 30.51 2.71 7.27
C PRO A 118 31.87 2.46 6.62
N LYS A 119 32.49 3.51 6.07
CA LYS A 119 33.88 3.58 5.58
C LYS A 119 34.10 2.78 4.28
N ALA A 120 33.12 1.99 3.85
CA ALA A 120 33.22 1.38 2.53
C ALA A 120 32.92 2.40 1.44
N GLU A 121 32.10 3.39 1.78
CA GLU A 121 31.86 4.57 0.97
C GLU A 121 31.99 5.78 1.89
N GLY A 122 32.20 6.95 1.29
CA GLY A 122 32.19 8.18 2.06
C GLY A 122 33.45 8.40 2.86
N GLY A 123 33.62 7.68 3.95
CA GLY A 123 34.85 7.69 4.71
C GLY A 123 34.66 7.97 6.20
N ALA A 124 35.78 7.92 6.92
CA ALA A 124 36.01 8.35 8.30
C ALA A 124 35.36 7.48 9.37
N GLY A 125 34.45 6.58 8.98
CA GLY A 125 33.95 5.48 9.80
C GLY A 125 33.50 5.69 11.23
N ILE A 126 33.14 6.92 11.60
CA ILE A 126 32.88 7.23 13.00
C ILE A 126 31.45 6.85 13.35
N THR A 127 31.30 6.04 14.39
CA THR A 127 30.03 5.83 15.08
C THR A 127 30.25 6.34 16.50
N PRO A 128 29.43 7.30 16.98
CA PRO A 128 29.80 8.12 18.15
C PRO A 128 30.09 7.40 19.46
N ARG A 129 29.25 6.47 19.90
CA ARG A 129 29.59 5.73 21.11
C ARG A 129 29.20 4.27 21.03
N HIS A 130 29.26 3.68 19.83
CA HIS A 130 28.78 2.30 19.63
C HIS A 130 29.92 1.29 19.81
N GLY A 131 30.96 1.40 19.00
CA GLY A 131 32.04 0.43 19.03
C GLY A 131 33.31 0.93 18.36
N GLU A 132 34.45 0.71 19.01
CA GLU A 132 35.80 1.15 18.64
C GLU A 132 35.95 2.67 18.59
N TRP A 133 34.94 3.39 19.11
CA TRP A 133 34.93 4.83 19.29
C TRP A 133 34.25 5.17 20.60
N LYS A 134 34.63 4.47 21.68
CA LYS A 134 33.93 4.65 22.94
C LYS A 134 34.33 5.96 23.61
N ASN A 135 35.52 6.48 23.32
CA ASN A 135 36.02 7.66 24.02
C ASN A 135 35.39 8.95 23.51
N VAL A 136 35.04 9.01 22.22
CA VAL A 136 34.44 10.22 21.67
C VAL A 136 32.98 10.31 22.08
N ASP A 137 32.55 11.51 22.47
CA ASP A 137 31.18 11.77 22.86
C ASP A 137 30.37 12.17 21.63
N ALA A 138 29.18 12.73 21.83
CA ALA A 138 28.32 13.10 20.70
C ALA A 138 28.90 14.27 19.91
N ILE A 139 28.62 14.26 18.61
CA ILE A 139 29.04 15.32 17.71
C ILE A 139 27.79 16.10 17.29
N PHE A 140 27.99 17.37 16.95
CA PHE A 140 26.87 18.30 16.81
C PHE A 140 27.33 19.51 16.03
N PRO A 141 26.45 20.13 15.25
CA PRO A 141 26.78 21.41 14.61
C PRO A 141 26.54 22.56 15.58
N LEU A 142 26.88 23.76 15.13
CA LEU A 142 26.77 24.96 15.95
C LEU A 142 25.50 25.72 15.60
N HIS A 143 24.95 26.41 16.58
CA HIS A 143 23.68 27.11 16.41
C HIS A 143 23.85 28.36 15.54
N ASP A 144 22.96 28.51 14.56
CA ASP A 144 22.93 29.72 13.73
C ASP A 144 22.21 30.78 14.56
N GLU A 145 23.00 31.70 15.13
CA GLU A 145 22.48 32.71 16.04
C GLU A 145 21.57 33.70 15.33
N GLU A 146 21.88 33.99 14.07
CA GLU A 146 21.07 34.92 13.29
C GLU A 146 19.74 34.31 12.87
N THR A 147 19.64 32.98 12.91
CA THR A 147 18.42 32.28 12.54
C THR A 147 17.58 31.89 13.73
N ASN A 148 18.17 31.77 14.92
CA ASN A 148 17.39 31.52 16.12
C ASN A 148 17.33 32.72 17.07
N ARG A 149 17.76 33.88 16.63
CA ARG A 149 17.50 35.10 17.38
C ARG A 149 16.65 36.09 16.60
N GLN A 150 17.04 36.41 15.37
CA GLN A 150 16.31 37.36 14.54
C GLN A 150 15.15 36.71 13.79
N CYS A 151 14.93 35.43 13.99
CA CYS A 151 13.78 34.75 13.40
C CYS A 151 12.97 33.92 14.39
N MET A 152 13.54 33.53 15.53
CA MET A 152 12.77 32.82 16.54
C MET A 152 11.77 33.75 17.23
N ARG A 153 12.13 35.02 17.40
CA ARG A 153 11.17 35.99 17.91
C ARG A 153 10.43 36.67 16.76
N GLU A 154 9.97 35.87 15.80
CA GLU A 154 8.96 36.25 14.83
C GLU A 154 8.05 35.05 14.63
N TRP A 155 8.50 33.89 15.11
CA TRP A 155 7.76 32.64 14.97
C TRP A 155 6.93 32.30 16.20
N SER A 156 7.37 32.70 17.38
CA SER A 156 6.61 32.42 18.60
C SER A 156 5.35 33.25 18.68
N LYS A 157 5.44 34.55 18.39
CA LYS A 157 4.27 35.43 18.39
C LYS A 157 3.72 35.59 16.98
N LYS A 158 3.38 34.46 16.36
CA LYS A 158 2.83 34.48 15.02
C LYS A 158 1.55 33.69 14.89
N THR A 159 1.48 32.54 15.59
CA THR A 159 0.35 31.61 15.78
C THR A 159 0.08 30.79 14.51
N PHE A 160 0.70 31.16 13.39
CA PHE A 160 0.53 30.45 12.14
C PHE A 160 1.75 30.69 11.26
N LEU A 161 2.20 29.63 10.58
CA LEU A 161 3.44 29.64 9.82
C LEU A 161 3.16 29.46 8.35
N SER A 162 3.79 30.29 7.52
CA SER A 162 3.65 30.18 6.08
C SER A 162 4.59 29.10 5.55
N THR A 163 4.44 28.80 4.26
CA THR A 163 5.31 27.81 3.63
C THR A 163 6.72 28.32 3.48
N GLU A 164 6.86 29.63 3.20
CA GLU A 164 8.18 30.25 3.21
C GLU A 164 8.74 30.36 4.62
N ASP A 165 7.90 30.28 5.64
CA ASP A 165 8.39 30.22 7.01
C ASP A 165 8.82 28.82 7.41
N LEU A 166 8.16 27.78 6.87
CA LEU A 166 8.62 26.42 7.06
C LEU A 166 9.86 26.12 6.24
N ASP A 167 10.10 26.88 5.16
CA ASP A 167 11.36 26.75 4.44
C ASP A 167 12.54 27.19 5.28
N ARG A 168 12.35 28.14 6.20
CA ARG A 168 13.43 28.55 7.09
C ARG A 168 13.70 27.53 8.19
N ILE A 169 12.69 26.74 8.58
CA ILE A 169 12.90 25.65 9.53
C ILE A 169 13.21 24.34 8.81
N ARG A 170 13.25 24.36 7.49
CA ARG A 170 13.84 23.25 6.74
C ARG A 170 15.30 23.50 6.40
N ASN A 171 15.62 24.74 6.00
CA ASN A 171 17.00 25.08 5.63
C ASN A 171 17.93 25.09 6.82
N THR A 172 17.39 25.37 8.01
CA THR A 172 18.06 25.07 9.26
C THR A 172 17.32 23.89 9.87
N PHE A 173 18.03 23.08 10.68
CA PHE A 173 17.52 21.93 11.44
C PHE A 173 17.05 20.76 10.60
N GLY A 174 17.01 20.88 9.28
CA GLY A 174 16.74 19.76 8.41
C GLY A 174 15.27 19.42 8.21
N GLU A 175 15.04 18.49 7.28
CA GLU A 175 13.69 18.12 6.88
C GLU A 175 12.95 17.31 7.94
N HIS A 176 13.66 16.68 8.88
CA HIS A 176 12.99 16.00 9.97
C HIS A 176 12.23 16.98 10.85
N VAL A 177 12.92 18.02 11.31
CA VAL A 177 12.30 19.11 12.07
C VAL A 177 11.27 19.84 11.21
N GLY A 178 11.53 19.95 9.90
CA GLY A 178 10.56 20.59 9.01
C GLY A 178 9.23 19.85 8.93
N PHE A 179 9.28 18.51 8.76
CA PHE A 179 8.06 17.71 8.76
C PHE A 179 7.38 17.71 10.13
N TYR A 180 8.14 17.72 11.21
CA TYR A 180 7.52 17.76 12.54
C TYR A 180 6.78 19.07 12.77
N PHE A 181 7.37 20.21 12.38
CA PHE A 181 6.70 21.48 12.57
C PHE A 181 5.54 21.66 11.59
N ALA A 182 5.64 21.10 10.39
CA ALA A 182 4.52 21.15 9.47
C ALA A 182 3.36 20.30 9.95
N PHE A 183 3.65 19.16 10.60
CA PHE A 183 2.60 18.34 11.17
C PHE A 183 1.93 19.02 12.35
N LEU A 184 2.72 19.71 13.18
CA LEU A 184 2.12 20.46 14.29
C LEU A 184 1.27 21.61 13.80
N GLN A 185 1.70 22.28 12.72
CA GLN A 185 0.91 23.38 12.15
C GLN A 185 -0.38 22.87 11.54
N SER A 186 -0.33 21.76 10.80
CA SER A 186 -1.54 21.21 10.20
C SER A 186 -2.48 20.63 11.25
N TYR A 187 -1.94 20.05 12.33
CA TYR A 187 -2.79 19.56 13.40
C TYR A 187 -3.44 20.69 14.17
N PHE A 188 -2.72 21.79 14.41
CA PHE A 188 -3.32 22.93 15.08
C PHE A 188 -4.35 23.63 14.19
N ARG A 189 -4.15 23.60 12.88
CA ARG A 189 -5.13 24.20 11.99
C ARG A 189 -6.37 23.32 11.85
N PHE A 190 -6.21 22.00 11.91
CA PHE A 190 -7.35 21.10 11.82
C PHE A 190 -8.06 20.91 13.14
N LEU A 191 -7.41 21.26 14.26
CA LEU A 191 -8.05 21.15 15.57
C LEU A 191 -9.05 22.28 15.81
N MET A 192 -9.03 23.33 14.99
CA MET A 192 -9.95 24.45 15.20
C MET A 192 -11.37 24.08 14.81
N PHE A 193 -11.56 23.04 14.01
CA PHE A 193 -12.92 22.62 13.66
C PHE A 193 -13.60 21.81 14.77
N PRO A 194 -12.97 20.81 15.43
CA PRO A 194 -13.66 20.22 16.58
C PRO A 194 -13.72 21.14 17.78
N ALA A 195 -12.77 22.06 17.94
CA ALA A 195 -12.84 23.00 19.05
C ALA A 195 -13.97 24.01 18.89
N ALA A 196 -14.41 24.26 17.66
CA ALA A 196 -15.61 25.07 17.46
C ALA A 196 -16.86 24.21 17.47
N PHE A 197 -16.80 23.01 16.89
CA PHE A 197 -17.99 22.18 16.74
C PHE A 197 -18.43 21.55 18.04
N GLY A 198 -17.50 21.09 18.89
CA GLY A 198 -17.88 20.50 20.16
C GLY A 198 -18.38 21.54 21.14
N PHE A 199 -17.82 22.75 21.09
CA PHE A 199 -18.39 23.86 21.85
C PHE A 199 -19.75 24.25 21.32
N SER A 200 -19.97 24.13 20.00
CA SER A 200 -21.29 24.35 19.44
C SER A 200 -22.23 23.18 19.76
N CYS A 201 -21.69 21.99 20.00
CA CYS A 201 -22.47 20.84 20.40
C CYS A 201 -22.46 20.61 21.91
N TRP A 202 -22.04 21.61 22.67
CA TRP A 202 -22.16 21.59 24.12
C TRP A 202 -23.20 22.57 24.64
N LEU A 203 -23.38 23.69 23.94
CA LEU A 203 -24.47 24.62 24.24
C LEU A 203 -25.79 24.20 23.61
N LEU A 204 -25.78 23.22 22.73
CA LEU A 204 -26.98 22.87 21.97
C LEU A 204 -27.39 21.42 22.12
N LEU A 205 -26.43 20.50 22.20
CA LEU A 205 -26.75 19.07 22.21
C LEU A 205 -26.36 18.36 23.50
N GLY A 206 -25.15 18.57 23.98
CA GLY A 206 -24.72 17.93 25.21
C GLY A 206 -23.89 16.68 24.96
N SER A 207 -23.79 15.87 26.01
CA SER A 207 -23.00 14.66 25.97
C SER A 207 -23.73 13.54 25.25
N PHE A 208 -22.94 12.68 24.58
CA PHE A 208 -23.40 11.49 23.86
C PHE A 208 -24.42 11.84 22.78
N SER A 209 -24.00 12.69 21.86
CA SER A 209 -24.84 13.06 20.72
C SER A 209 -24.32 12.37 19.46
N ILE A 210 -25.27 12.01 18.57
CA ILE A 210 -24.89 11.26 17.38
C ILE A 210 -24.28 12.16 16.32
N ILE A 211 -24.73 13.42 16.25
CA ILE A 211 -24.25 14.35 15.22
C ILE A 211 -22.77 14.66 15.44
N TYR A 212 -22.40 14.95 16.69
CA TYR A 212 -21.00 15.21 17.01
C TYR A 212 -20.14 13.98 16.82
N THR A 213 -20.69 12.79 17.03
CA THR A 213 -19.90 11.57 16.87
C THR A 213 -19.61 11.28 15.40
N VAL A 214 -20.62 11.45 14.54
CA VAL A 214 -20.41 11.26 13.10
C VAL A 214 -19.46 12.32 12.55
N VAL A 215 -19.62 13.58 12.96
CA VAL A 215 -18.74 14.64 12.46
C VAL A 215 -17.33 14.49 13.02
N ASN A 216 -17.19 13.99 14.24
CA ASN A 216 -15.87 13.79 14.82
C ASN A 216 -15.13 12.63 14.16
N CYS A 217 -15.84 11.54 13.85
CA CYS A 217 -15.20 10.45 13.12
C CYS A 217 -14.86 10.85 11.69
N LEU A 218 -15.71 11.69 11.06
CA LEU A 218 -15.41 12.24 9.76
C LEU A 218 -14.17 13.12 9.79
N TRP A 219 -14.01 13.93 10.84
CA TRP A 219 -12.83 14.78 10.98
C TRP A 219 -11.59 13.95 11.21
N CYS A 220 -11.70 12.86 11.99
CA CYS A 220 -10.56 11.98 12.21
C CYS A 220 -10.15 11.25 10.94
N ILE A 221 -11.09 10.96 10.04
CA ILE A 221 -10.73 10.40 8.74
C ILE A 221 -10.05 11.46 7.88
N VAL A 222 -10.64 12.66 7.83
CA VAL A 222 -10.21 13.68 6.88
C VAL A 222 -8.84 14.23 7.23
N PHE A 223 -8.52 14.35 8.54
CA PHE A 223 -7.23 14.88 8.94
C PHE A 223 -6.09 13.94 8.58
N ILE A 224 -6.28 12.64 8.79
CA ILE A 224 -5.24 11.66 8.47
C ILE A 224 -5.08 11.53 6.95
N GLU A 225 -6.21 11.48 6.22
CA GLU A 225 -6.11 11.36 4.78
C GLU A 225 -5.66 12.65 4.10
N TYR A 226 -5.72 13.78 4.81
CA TYR A 226 -5.17 15.03 4.31
C TYR A 226 -3.68 15.17 4.62
N TRP A 227 -3.25 14.72 5.79
CA TRP A 227 -1.82 14.78 6.08
C TRP A 227 -1.04 13.73 5.28
N LYS A 228 -1.68 12.62 4.91
CA LYS A 228 -1.04 11.67 4.01
C LYS A 228 -0.82 12.27 2.62
N ARG A 229 -1.64 13.23 2.22
CA ARG A 229 -1.45 13.94 0.96
C ARG A 229 -0.44 15.07 1.10
N GLN A 230 -0.46 15.74 2.26
CA GLN A 230 0.48 16.83 2.49
C GLN A 230 1.91 16.32 2.68
N GLU A 231 2.07 15.08 3.12
CA GLU A 231 3.41 14.50 3.21
C GLU A 231 4.00 14.24 1.84
N GLU A 232 3.19 13.73 0.90
CA GLU A 232 3.68 13.54 -0.47
C GLU A 232 3.84 14.88 -1.18
N ASP A 233 3.08 15.89 -0.75
CA ASP A 233 3.31 17.25 -1.24
C ASP A 233 4.66 17.79 -0.78
N LEU A 234 4.95 17.66 0.52
CA LEU A 234 6.13 18.29 1.11
C LEU A 234 7.41 17.52 0.81
N SER A 235 7.33 16.20 0.62
CA SER A 235 8.52 15.43 0.26
C SER A 235 8.91 15.62 -1.19
N CYS A 236 7.97 15.97 -2.07
CA CYS A 236 8.28 16.37 -3.42
C CYS A 236 8.73 17.83 -3.52
N ARG A 237 8.34 18.66 -2.55
CA ARG A 237 8.78 20.04 -2.49
C ARG A 237 10.20 20.18 -1.97
N TRP A 238 10.58 19.40 -0.96
CA TRP A 238 11.92 19.48 -0.37
C TRP A 238 12.88 18.48 -1.00
N GLN A 239 12.52 17.90 -2.16
CA GLN A 239 13.38 17.04 -2.99
C GLN A 239 13.83 15.80 -2.23
N THR A 240 12.95 15.28 -1.38
CA THR A 240 13.23 14.12 -0.57
C THR A 240 12.12 13.08 -0.67
N LYS A 241 11.66 12.82 -1.90
CA LYS A 241 10.40 12.09 -2.12
C LYS A 241 10.46 10.63 -1.69
N GLY A 242 11.62 10.00 -1.82
CA GLY A 242 11.75 8.65 -1.33
C GLY A 242 13.03 8.41 -0.57
N VAL A 243 12.92 8.08 0.72
CA VAL A 243 14.09 7.75 1.52
C VAL A 243 13.92 6.34 2.07
N SER A 244 14.50 5.37 1.36
CA SER A 244 14.59 3.99 1.81
C SER A 244 16.04 3.60 2.07
N ALA A 245 16.93 4.59 2.07
CA ALA A 245 18.34 4.35 2.37
C ALA A 245 18.51 4.14 3.88
N VAL A 246 18.33 2.89 4.29
CA VAL A 246 18.42 2.54 5.70
C VAL A 246 19.87 2.58 6.16
N HIS A 247 20.07 2.95 7.42
CA HIS A 247 21.39 3.07 8.00
C HIS A 247 21.63 1.96 9.02
N GLU A 248 22.89 1.79 9.39
CA GLU A 248 23.25 0.79 10.39
C GLU A 248 23.06 1.37 11.80
N LYS A 249 23.41 0.56 12.79
CA LYS A 249 23.22 0.93 14.18
C LYS A 249 24.28 0.31 15.07
N ARG A 250 24.02 0.27 16.38
CA ARG A 250 24.88 -0.40 17.35
C ARG A 250 24.45 -1.84 17.55
N ALA A 251 24.32 -2.58 16.46
CA ALA A 251 23.87 -3.97 16.54
C ALA A 251 25.02 -4.88 16.96
N GLU A 252 24.72 -5.83 17.84
CA GLU A 252 25.69 -6.81 18.29
C GLU A 252 25.41 -8.13 17.56
N PHE A 253 26.09 -8.30 16.42
CA PHE A 253 25.89 -9.49 15.61
C PHE A 253 26.56 -10.70 16.24
N LYS A 254 25.82 -11.81 16.29
CA LYS A 254 26.39 -13.04 16.83
C LYS A 254 27.41 -13.65 15.87
N PRO A 255 27.03 -14.12 14.69
CA PRO A 255 28.03 -14.64 13.76
C PRO A 255 28.59 -13.56 12.86
N GLU A 256 29.50 -13.93 11.94
CA GLU A 256 30.02 -13.00 10.97
C GLU A 256 30.09 -13.65 9.59
N LYS A 257 29.05 -14.41 9.25
CA LYS A 257 29.04 -15.16 8.01
C LYS A 257 28.80 -14.24 6.81
N GLU A 258 29.53 -14.50 5.73
CA GLU A 258 29.40 -13.70 4.51
C GLU A 258 28.14 -14.06 3.75
N ARG A 268 29.78 -9.39 6.40
CA ARG A 268 28.58 -8.79 6.98
C ARG A 268 28.17 -9.52 8.25
N GLY A 269 27.88 -8.76 9.31
CA GLY A 269 27.40 -9.33 10.54
C GLY A 269 25.93 -9.69 10.42
N VAL A 270 25.57 -10.88 10.90
CA VAL A 270 24.24 -11.43 10.73
C VAL A 270 23.66 -11.73 12.11
N PHE A 271 22.32 -11.72 12.19
CA PHE A 271 21.58 -12.08 13.38
C PHE A 271 20.29 -12.77 12.95
N PRO A 272 20.00 -13.97 13.48
CA PRO A 272 18.83 -14.71 13.00
C PRO A 272 17.53 -14.12 13.54
N ALA A 273 16.53 -14.04 12.66
CA ALA A 273 15.24 -13.48 13.04
C ALA A 273 14.48 -14.40 13.98
N THR A 274 14.77 -15.71 13.93
CA THR A 274 14.17 -16.64 14.88
C THR A 274 14.67 -16.43 16.30
N LYS A 275 15.89 -15.92 16.46
CA LYS A 275 16.36 -15.54 17.78
C LYS A 275 15.84 -14.16 18.19
N ARG A 276 15.40 -13.36 17.23
CA ARG A 276 14.83 -12.05 17.54
C ARG A 276 13.37 -12.15 17.94
N MET A 277 12.62 -13.09 17.35
CA MET A 277 11.22 -13.23 17.68
C MET A 277 11.00 -13.74 19.11
N TYR A 278 11.94 -14.53 19.62
CA TYR A 278 11.84 -15.02 20.99
C TYR A 278 12.03 -13.89 22.00
N ARG A 279 12.76 -12.84 21.63
CA ARG A 279 12.84 -11.65 22.46
C ARG A 279 11.70 -10.68 22.20
N GLN A 280 11.16 -10.68 20.97
CA GLN A 280 10.02 -9.84 20.64
C GLN A 280 8.75 -10.31 21.33
N LEU A 281 8.68 -11.60 21.66
CA LEU A 281 7.53 -12.12 22.40
C LEU A 281 7.49 -11.67 23.86
N LEU A 282 8.56 -11.03 24.36
CA LEU A 282 8.54 -10.49 25.71
C LEU A 282 7.71 -9.22 25.86
N GLN A 283 7.22 -8.65 24.75
CA GLN A 283 6.37 -7.48 24.84
C GLN A 283 4.98 -7.83 25.35
N VAL A 284 4.54 -9.07 25.15
CA VAL A 284 3.23 -9.52 25.59
C VAL A 284 3.14 -9.63 27.12
N PRO A 285 4.07 -10.28 27.87
CA PRO A 285 3.93 -10.26 29.33
C PRO A 285 4.15 -8.89 29.94
N PHE A 286 4.99 -8.06 29.30
CA PHE A 286 5.21 -6.70 29.78
C PHE A 286 3.94 -5.86 29.66
N ALA A 287 3.27 -5.93 28.52
CA ALA A 287 2.04 -5.18 28.31
C ALA A 287 0.91 -5.71 29.18
N LEU A 288 0.83 -7.03 29.34
CA LEU A 288 -0.20 -7.62 30.18
C LEU A 288 0.00 -7.28 31.65
N LEU A 289 1.24 -7.33 32.13
CA LEU A 289 1.52 -6.98 33.52
C LEU A 289 1.33 -5.49 33.77
N ALA A 290 1.63 -4.64 32.78
CA ALA A 290 1.36 -3.21 32.93
C ALA A 290 -0.14 -2.92 32.96
N ALA A 291 -0.92 -3.66 32.15
CA ALA A 291 -2.36 -3.48 32.15
C ALA A 291 -2.99 -3.92 33.46
N VAL A 292 -2.53 -5.04 34.02
CA VAL A 292 -3.02 -5.50 35.32
C VAL A 292 -2.58 -4.55 36.43
N ALA A 293 -1.34 -4.07 36.38
CA ALA A 293 -0.83 -3.18 37.41
C ALA A 293 -1.45 -1.80 37.35
N LEU A 294 -2.01 -1.39 36.21
CA LEU A 294 -2.75 -0.13 36.17
C LEU A 294 -4.23 -0.32 36.48
N GLY A 295 -4.81 -1.46 36.09
CA GLY A 295 -6.18 -1.75 36.49
C GLY A 295 -6.34 -1.94 37.98
N ALA A 296 -5.29 -2.42 38.65
CA ALA A 296 -5.30 -2.48 40.11
C ALA A 296 -5.35 -1.09 40.73
N ILE A 297 -4.60 -0.14 40.18
CA ILE A 297 -4.62 1.23 40.69
C ILE A 297 -5.96 1.90 40.41
N ILE A 298 -6.56 1.60 39.26
CA ILE A 298 -7.87 2.17 38.93
C ILE A 298 -8.96 1.60 39.84
N ALA A 299 -8.89 0.30 40.13
CA ALA A 299 -9.84 -0.31 41.05
C ALA A 299 -9.64 0.18 42.48
N THR A 300 -8.39 0.44 42.87
CA THR A 300 -8.11 1.02 44.17
C THR A 300 -8.66 2.44 44.27
N CYS A 301 -8.55 3.23 43.21
CA CYS A 301 -9.10 4.57 43.19
C CYS A 301 -10.62 4.54 43.25
N PHE A 302 -11.24 3.55 42.59
CA PHE A 302 -12.69 3.36 42.69
C PHE A 302 -13.10 3.02 44.12
N ALA A 303 -12.31 2.16 44.78
CA ALA A 303 -12.63 1.75 46.15
C ALA A 303 -12.51 2.92 47.13
N ILE A 304 -11.46 3.72 46.99
CA ILE A 304 -11.29 4.87 47.87
C ILE A 304 -12.33 5.95 47.57
N GLU A 305 -12.75 6.07 46.30
CA GLU A 305 -13.82 7.02 45.97
C GLU A 305 -15.15 6.58 46.56
N ILE A 306 -15.45 5.28 46.54
CA ILE A 306 -16.69 4.78 47.14
C ILE A 306 -16.62 4.89 48.66
N PHE A 307 -15.43 4.74 49.24
CA PHE A 307 -15.28 4.86 50.69
C PHE A 307 -15.44 6.31 51.14
N ILE A 308 -14.93 7.25 50.36
CA ILE A 308 -15.12 8.67 50.68
C ILE A 308 -16.57 9.09 50.45
N SER A 309 -17.22 8.53 49.43
CA SER A 309 -18.62 8.82 49.18
C SER A 309 -19.52 8.24 50.28
N GLU A 310 -19.09 7.13 50.87
CA GLU A 310 -19.82 6.60 52.03
C GLU A 310 -19.48 7.37 53.29
N VAL A 311 -18.21 7.35 53.69
CA VAL A 311 -17.75 8.04 54.89
C VAL A 311 -17.25 9.43 54.51
N TYR A 312 -18.05 10.45 54.82
CA TYR A 312 -17.73 11.82 54.42
C TYR A 312 -16.59 12.42 55.26
N LYS A 317 -17.53 17.54 50.56
CA LYS A 317 -17.61 16.27 49.86
C LYS A 317 -18.17 16.45 48.45
N GLY A 318 -18.25 17.71 48.01
CA GLY A 318 -18.74 18.00 46.67
C GLY A 318 -17.76 17.59 45.59
N TYR A 319 -16.61 18.26 45.54
CA TYR A 319 -15.57 17.96 44.57
C TYR A 319 -14.42 17.18 45.17
N LEU A 320 -14.43 16.96 46.48
CA LEU A 320 -13.38 16.24 47.17
C LEU A 320 -13.57 14.73 47.14
N VAL A 321 -14.69 14.25 46.60
CA VAL A 321 -14.94 12.81 46.54
C VAL A 321 -14.20 12.12 45.41
N PHE A 322 -13.57 12.88 44.51
CA PHE A 322 -12.83 12.34 43.38
C PHE A 322 -11.35 12.69 43.47
N ILE A 323 -10.83 12.77 44.68
CA ILE A 323 -9.41 13.08 44.93
C ILE A 323 -8.44 12.01 44.42
N PRO A 324 -8.63 10.69 44.64
CA PRO A 324 -7.62 9.75 44.09
C PRO A 324 -7.65 9.63 42.58
N THR A 325 -8.80 9.89 41.94
CA THR A 325 -8.84 9.94 40.48
C THR A 325 -8.02 11.11 39.96
N ILE A 326 -8.08 12.26 40.63
CA ILE A 326 -7.27 13.41 40.26
C ILE A 326 -5.79 13.12 40.49
N LEU A 327 -5.46 12.43 41.59
CA LEU A 327 -4.06 12.08 41.86
C LEU A 327 -3.51 11.10 40.84
N VAL A 328 -4.29 10.09 40.44
CA VAL A 328 -3.75 9.13 39.47
C VAL A 328 -3.72 9.74 38.08
N SER A 329 -4.64 10.68 37.78
CA SER A 329 -4.60 11.34 36.48
C SER A 329 -3.46 12.33 36.40
N ALA A 330 -3.01 12.86 37.54
CA ALA A 330 -1.79 13.66 37.56
C ALA A 330 -0.53 12.81 37.58
N LEU A 331 -0.61 11.57 38.06
CA LEU A 331 0.53 10.66 38.08
C LEU A 331 0.64 9.82 36.81
N ILE A 332 -0.31 9.97 35.87
CA ILE A 332 -0.17 9.34 34.56
C ILE A 332 1.13 9.70 33.81
N PRO A 333 1.52 10.97 33.64
CA PRO A 333 2.72 11.25 32.83
C PRO A 333 4.04 10.85 33.48
N THR A 334 4.07 10.54 34.77
CA THR A 334 5.29 10.03 35.40
C THR A 334 5.27 8.52 35.55
N MET A 335 4.14 7.87 35.30
CA MET A 335 4.08 6.41 35.22
C MET A 335 4.35 5.94 33.80
N SER A 336 3.88 6.69 32.82
CA SER A 336 4.18 6.37 31.43
C SER A 336 5.65 6.56 31.11
N ALA A 337 6.36 7.43 31.85
CA ALA A 337 7.79 7.57 31.65
C ALA A 337 8.56 6.37 32.18
N VAL A 338 8.11 5.81 33.31
CA VAL A 338 8.75 4.60 33.85
C VAL A 338 8.53 3.43 32.91
N LEU A 339 7.29 3.28 32.42
CA LEU A 339 7.02 2.25 31.42
C LEU A 339 7.74 2.52 30.10
N LEU A 340 8.04 3.78 29.81
CA LEU A 340 8.83 4.15 28.63
C LEU A 340 10.27 3.70 28.77
N THR A 341 10.86 3.84 29.96
CA THR A 341 12.22 3.35 30.17
C THR A 341 12.29 1.83 30.11
N VAL A 342 11.26 1.15 30.65
CA VAL A 342 11.22 -0.32 30.53
C VAL A 342 11.06 -0.74 29.06
N ALA A 343 10.24 -0.01 28.30
CA ALA A 343 10.07 -0.30 26.89
C ALA A 343 11.34 0.00 26.08
N THR A 344 12.09 1.02 26.47
CA THR A 344 13.35 1.32 25.79
C THR A 344 14.40 0.26 26.06
N LYS A 345 14.46 -0.25 27.30
CA LYS A 345 15.37 -1.35 27.60
C LYS A 345 14.96 -2.62 26.86
N LEU A 346 13.66 -2.89 26.76
CA LEU A 346 13.17 -4.05 26.01
C LEU A 346 13.45 -3.91 24.52
N ASN A 347 13.36 -2.69 23.97
CA ASN A 347 13.65 -2.49 22.56
C ASN A 347 15.13 -2.56 22.27
N ASP A 348 15.98 -2.12 23.20
CA ASP A 348 17.41 -2.28 23.02
C ASP A 348 17.85 -3.73 23.18
N TYR A 349 17.07 -4.52 23.93
CA TYR A 349 17.36 -5.94 24.06
C TYR A 349 17.06 -6.70 22.77
N GLU A 350 16.13 -6.19 21.95
CA GLU A 350 15.67 -6.94 20.79
C GLU A 350 16.65 -6.92 19.62
N ASN A 351 17.70 -6.08 19.68
CA ASN A 351 18.87 -6.12 18.81
C ASN A 351 18.50 -5.91 17.33
N TYR A 352 18.03 -4.70 17.05
CA TYR A 352 17.67 -4.33 15.69
C TYR A 352 18.89 -3.88 14.90
N GLU A 353 18.86 -4.13 13.59
CA GLU A 353 19.98 -3.82 12.72
C GLU A 353 19.88 -2.43 12.11
N THR A 354 18.73 -2.06 11.58
CA THR A 354 18.54 -0.79 10.92
C THR A 354 17.86 0.21 11.84
N GLN A 355 18.10 1.50 11.58
CA GLN A 355 17.46 2.55 12.36
C GLN A 355 15.98 2.66 12.04
N ASP A 356 15.59 2.38 10.79
CA ASP A 356 14.20 2.42 10.36
C ASP A 356 13.39 1.23 10.82
N ALA A 357 13.98 0.30 11.55
CA ALA A 357 13.26 -0.76 12.25
C ALA A 357 13.23 -0.55 13.76
N TYR A 358 14.33 -0.02 14.31
CA TYR A 358 14.36 0.35 15.72
C TYR A 358 13.36 1.47 16.01
N LYS A 359 13.24 2.43 15.09
CA LYS A 359 12.28 3.51 15.26
C LYS A 359 10.85 3.00 15.21
N VAL A 360 10.56 2.06 14.31
CA VAL A 360 9.21 1.53 14.17
C VAL A 360 8.84 0.69 15.39
N ALA A 361 9.78 -0.13 15.89
CA ALA A 361 9.50 -0.94 17.06
C ALA A 361 9.38 -0.10 18.33
N LEU A 362 10.18 0.96 18.43
CA LEU A 362 10.05 1.87 19.56
C LEU A 362 8.73 2.61 19.53
N THR A 363 8.27 3.01 18.34
CA THR A 363 6.98 3.68 18.22
C THR A 363 5.83 2.74 18.55
N GLN A 364 5.95 1.46 18.18
CA GLN A 364 4.93 0.49 18.54
C GLN A 364 4.88 0.25 20.05
N LYS A 365 6.04 0.18 20.70
CA LYS A 365 6.07 0.00 22.15
C LYS A 365 5.54 1.22 22.88
N ILE A 366 5.88 2.43 22.39
CA ILE A 366 5.37 3.66 22.98
C ILE A 366 3.86 3.75 22.79
N PHE A 367 3.35 3.29 21.65
CA PHE A 367 1.92 3.32 21.41
C PHE A 367 1.17 2.35 22.32
N VAL A 368 1.74 1.15 22.54
CA VAL A 368 1.13 0.19 23.46
C VAL A 368 1.12 0.74 24.89
N VAL A 369 2.25 1.37 25.29
CA VAL A 369 2.37 1.92 26.64
C VAL A 369 1.39 3.08 26.85
N ASN A 370 1.27 3.95 25.85
CA ASN A 370 0.35 5.09 25.96
C ASN A 370 -1.10 4.65 25.84
N PHE A 371 -1.39 3.59 25.09
CA PHE A 371 -2.76 3.07 25.03
C PHE A 371 -3.17 2.46 26.36
N ILE A 372 -2.25 1.74 27.00
CA ILE A 372 -2.53 1.17 28.32
C ILE A 372 -2.66 2.29 29.35
N THR A 373 -1.80 3.30 29.26
CA THR A 373 -1.70 4.30 30.31
C THR A 373 -2.81 5.34 30.24
N SER A 374 -3.15 5.82 29.05
CA SER A 374 -4.02 6.98 28.91
C SER A 374 -5.48 6.63 28.66
N TYR A 375 -5.79 5.50 28.02
CA TYR A 375 -7.16 5.21 27.63
C TYR A 375 -7.83 4.11 28.44
N LEU A 376 -7.08 3.11 28.88
CA LEU A 376 -7.62 2.01 29.67
C LEU A 376 -8.17 2.43 31.04
N PRO A 377 -7.68 3.49 31.70
CA PRO A 377 -8.48 4.06 32.81
C PRO A 377 -9.86 4.55 32.43
N ILE A 378 -10.11 4.90 31.16
CA ILE A 378 -11.43 5.35 30.73
C ILE A 378 -12.21 4.17 30.18
N ILE A 379 -11.50 3.18 29.62
CA ILE A 379 -12.15 1.98 29.12
C ILE A 379 -12.67 1.14 30.29
N LEU A 380 -11.92 1.10 31.39
CA LEU A 380 -12.37 0.32 32.55
C LEU A 380 -13.52 0.97 33.30
N THR A 381 -13.78 2.26 33.09
CA THR A 381 -14.96 2.88 33.67
C THR A 381 -16.05 3.17 32.65
N ALA A 382 -15.84 2.86 31.38
CA ALA A 382 -16.88 3.04 30.39
C ALA A 382 -17.61 1.74 30.09
N PHE A 383 -16.89 0.63 30.02
CA PHE A 383 -17.47 -0.65 29.62
C PHE A 383 -17.42 -1.71 30.71
N VAL A 384 -16.91 -1.38 31.90
CA VAL A 384 -16.82 -2.36 32.97
C VAL A 384 -17.52 -1.83 34.22
N TYR A 385 -17.13 -0.62 34.66
CA TYR A 385 -17.57 -0.14 35.97
C TYR A 385 -18.99 0.39 35.93
N VAL A 386 -19.28 1.33 35.03
CA VAL A 386 -20.59 1.99 34.98
C VAL A 386 -21.73 1.07 34.54
N PRO A 387 -21.63 0.24 33.49
CA PRO A 387 -22.79 -0.64 33.22
C PRO A 387 -22.97 -1.76 34.23
N PHE A 388 -21.90 -2.41 34.68
CA PHE A 388 -22.00 -3.46 35.69
C PHE A 388 -21.74 -2.90 37.08
N ALA A 389 -22.48 -1.85 37.44
CA ALA A 389 -22.24 -1.18 38.71
C ALA A 389 -22.74 -2.01 39.90
N SER A 390 -23.92 -2.62 39.77
CA SER A 390 -24.52 -3.37 40.86
C SER A 390 -23.80 -4.68 41.16
N ARG A 391 -22.90 -5.14 40.30
CA ARG A 391 -22.16 -6.36 40.52
C ARG A 391 -20.71 -6.14 40.96
N ILE A 392 -20.19 -4.92 40.86
CA ILE A 392 -18.83 -4.63 41.30
C ILE A 392 -18.79 -3.69 42.51
N VAL A 393 -19.79 -2.82 42.67
CA VAL A 393 -19.84 -1.95 43.85
C VAL A 393 -19.98 -2.72 45.17
N PRO A 394 -20.79 -3.79 45.28
CA PRO A 394 -20.67 -4.63 46.49
C PRO A 394 -19.36 -5.40 46.59
N TYR A 395 -18.64 -5.59 45.48
CA TYR A 395 -17.36 -6.29 45.55
C TYR A 395 -16.22 -5.36 45.90
N LEU A 396 -16.45 -4.05 45.97
CA LEU A 396 -15.41 -3.09 46.31
C LEU A 396 -15.60 -2.46 47.68
N ASP A 397 -16.85 -2.32 48.13
CA ASP A 397 -17.10 -1.74 49.45
C ASP A 397 -16.82 -2.76 50.53
N VAL A 398 -16.09 -2.35 51.56
CA VAL A 398 -15.74 -3.23 52.66
C VAL A 398 -15.94 -2.53 54.00
N ILE A 421 -23.21 5.29 40.50
CA ILE A 421 -22.38 5.15 39.32
C ILE A 421 -23.19 5.39 38.05
N ASN A 422 -23.63 6.64 37.88
CA ASN A 422 -24.35 7.09 36.71
C ASN A 422 -23.34 7.46 35.61
N PRO A 423 -23.77 7.71 34.36
CA PRO A 423 -22.78 8.11 33.32
C PRO A 423 -22.05 9.43 33.58
N ASP A 424 -22.51 10.23 34.54
CA ASP A 424 -21.75 11.43 34.92
C ASP A 424 -20.41 11.07 35.57
N ARG A 425 -20.30 9.85 36.11
CA ARG A 425 -18.99 9.35 36.55
C ARG A 425 -18.03 9.19 35.38
N LEU A 426 -18.52 8.66 34.26
CA LEU A 426 -17.70 8.55 33.06
C LEU A 426 -17.37 9.91 32.49
N ARG A 427 -18.33 10.84 32.54
CA ARG A 427 -18.07 12.21 32.09
C ARG A 427 -17.02 12.90 32.95
N LYS A 428 -17.07 12.69 34.26
CA LYS A 428 -16.05 13.24 35.15
C LYS A 428 -14.71 12.57 34.95
N GLN A 429 -14.68 11.30 34.56
CA GLN A 429 -13.42 10.63 34.27
C GLN A 429 -12.76 11.20 33.01
N VAL A 430 -13.56 11.42 31.97
CA VAL A 430 -13.03 12.02 30.74
C VAL A 430 -12.61 13.47 30.99
N ILE A 431 -13.28 14.15 31.92
CA ILE A 431 -12.83 15.48 32.32
C ILE A 431 -11.49 15.41 33.03
N TYR A 432 -11.36 14.52 34.01
CA TYR A 432 -10.18 14.49 34.86
C TYR A 432 -8.96 13.91 34.18
N PHE A 433 -9.12 13.08 33.14
CA PHE A 433 -7.97 12.46 32.51
C PHE A 433 -7.47 13.20 31.27
N THR A 434 -8.14 14.28 30.84
CA THR A 434 -7.67 15.07 29.72
C THR A 434 -7.42 16.53 30.09
N VAL A 435 -7.60 16.91 31.34
CA VAL A 435 -7.49 18.31 31.73
C VAL A 435 -6.45 18.50 32.83
N THR A 436 -6.53 17.67 33.89
CA THR A 436 -5.80 17.95 35.12
C THR A 436 -4.29 17.77 34.96
N ALA A 437 -3.88 16.92 34.02
CA ALA A 437 -2.46 16.82 33.70
C ALA A 437 -1.95 18.10 33.05
N GLN A 438 -2.78 18.72 32.22
CA GLN A 438 -2.42 19.99 31.59
C GLN A 438 -2.54 21.14 32.56
N ILE A 439 -3.39 20.99 33.59
CA ILE A 439 -3.51 22.02 34.61
C ILE A 439 -2.29 22.01 35.52
N VAL A 440 -1.90 20.82 35.97
CA VAL A 440 -0.69 20.66 36.77
C VAL A 440 0.58 21.02 36.00
N GLY A 441 0.66 20.64 34.72
CA GLY A 441 1.79 21.01 33.88
C GLY A 441 1.95 22.49 33.65
N PHE A 442 0.82 23.21 33.58
CA PHE A 442 0.84 24.67 33.47
C PHE A 442 0.80 25.35 34.83
N ALA A 443 0.97 24.59 35.91
CA ALA A 443 1.09 25.17 37.25
C ALA A 443 2.50 25.12 37.80
N LEU A 444 3.37 24.26 37.25
CA LEU A 444 4.77 24.26 37.65
C LEU A 444 5.54 25.43 37.09
N GLU A 445 5.01 26.10 36.07
CA GLU A 445 5.63 27.31 35.55
C GLU A 445 5.47 28.48 36.51
N THR A 446 4.38 28.51 37.28
CA THR A 446 4.14 29.58 38.23
C THR A 446 4.94 29.34 39.51
N ASP A 489 41.38 36.63 22.60
CA ASP A 489 40.85 37.18 21.36
C ASP A 489 39.62 36.41 20.89
N GLU A 490 39.69 35.09 21.01
CA GLU A 490 38.59 34.22 20.62
C GLU A 490 38.09 33.36 21.78
N ALA A 491 38.23 33.84 23.02
CA ALA A 491 37.75 33.10 24.18
C ALA A 491 36.26 33.28 24.43
N ARG A 492 35.60 34.15 23.68
CA ARG A 492 34.14 34.27 23.75
C ARG A 492 33.44 33.21 22.94
N PHE A 493 33.90 32.97 21.71
CA PHE A 493 33.37 31.89 20.88
C PHE A 493 33.61 30.53 21.49
N LEU A 494 34.75 30.33 22.16
CA LEU A 494 35.07 29.05 22.76
C LEU A 494 34.19 28.76 23.97
N THR A 495 33.92 29.78 24.80
CA THR A 495 33.01 29.54 25.92
C THR A 495 31.56 29.50 25.46
N ARG A 496 31.22 30.10 24.31
CA ARG A 496 29.90 29.92 23.74
C ARG A 496 29.71 28.48 23.26
N VAL A 497 30.75 27.91 22.64
CA VAL A 497 30.70 26.51 22.22
C VAL A 497 30.66 25.58 23.44
N ARG A 498 31.40 25.92 24.50
CA ARG A 498 31.36 25.13 25.72
C ARG A 498 30.01 25.21 26.41
N ASN A 499 29.31 26.34 26.29
CA ASN A 499 27.94 26.41 26.78
C ASN A 499 26.98 25.65 25.88
N GLU A 500 27.28 25.56 24.58
CA GLU A 500 26.43 24.82 23.66
C GLU A 500 26.63 23.31 23.75
N ALA A 501 27.76 22.86 24.31
CA ALA A 501 28.00 21.44 24.44
C ALA A 501 27.40 20.85 25.69
N GLU A 502 26.95 21.67 26.63
CA GLU A 502 26.32 21.21 27.86
C GLU A 502 24.81 21.12 27.74
N LEU A 503 24.23 21.51 26.61
CA LEU A 503 22.80 21.44 26.42
C LEU A 503 22.35 20.01 26.16
N GLU A 504 21.05 19.81 26.15
CA GLU A 504 20.47 18.50 25.91
C GLU A 504 20.44 18.20 24.41
N ASP A 505 19.89 17.05 24.05
CA ASP A 505 19.71 16.67 22.66
C ASP A 505 18.22 16.61 22.35
N TYR A 506 17.83 17.18 21.21
CA TYR A 506 16.43 17.25 20.85
C TYR A 506 15.89 15.90 20.42
N ASP A 507 14.62 15.67 20.74
CA ASP A 507 13.93 14.45 20.34
C ASP A 507 12.55 14.82 19.85
N VAL A 508 12.28 14.51 18.58
CA VAL A 508 10.95 14.74 18.01
C VAL A 508 9.93 13.80 18.64
N THR A 509 10.36 12.57 18.93
CA THR A 509 9.47 11.50 19.41
C THR A 509 8.99 11.68 20.84
N ASP A 510 9.26 12.80 21.51
CA ASP A 510 8.72 13.04 22.84
C ASP A 510 7.53 13.98 22.81
N ALA A 511 7.56 15.01 21.96
CA ALA A 511 6.43 15.91 21.79
C ALA A 511 5.45 15.43 20.74
N LEU A 512 5.88 14.51 19.88
CA LEU A 512 4.99 13.89 18.90
C LEU A 512 4.21 12.73 19.50
N ARG A 513 4.63 12.23 20.65
CA ARG A 513 3.86 11.24 21.40
C ARG A 513 2.61 11.85 22.02
N ALA A 514 2.72 13.07 22.55
CA ALA A 514 1.58 13.74 23.16
C ALA A 514 0.52 14.12 22.15
N MET A 515 0.92 14.46 20.93
CA MET A 515 -0.03 14.76 19.85
C MET A 515 -0.66 13.51 19.27
N CYS A 516 -0.25 12.32 19.71
CA CYS A 516 -0.94 11.07 19.43
C CYS A 516 -1.90 10.69 20.55
N ILE A 517 -1.55 10.98 21.79
CA ILE A 517 -2.47 10.78 22.91
C ILE A 517 -3.65 11.72 22.81
N GLN A 518 -3.42 12.95 22.33
CA GLN A 518 -4.51 13.89 22.09
C GLN A 518 -5.44 13.40 20.99
N PHE A 519 -4.88 12.83 19.93
CA PHE A 519 -5.71 12.32 18.84
C PHE A 519 -6.47 11.07 19.26
N GLY A 520 -5.89 10.28 20.17
CA GLY A 520 -6.60 9.13 20.68
C GLY A 520 -7.74 9.51 21.60
N TYR A 521 -7.55 10.58 22.39
CA TYR A 521 -8.65 11.11 23.18
C TYR A 521 -9.73 11.75 22.31
N LEU A 522 -9.34 12.31 21.17
CA LEU A 522 -10.29 12.88 20.22
C LEU A 522 -11.07 11.82 19.45
N ALA A 523 -10.45 10.69 19.15
CA ALA A 523 -11.12 9.67 18.36
C ALA A 523 -12.01 8.76 19.20
N LEU A 524 -11.60 8.47 20.44
CA LEU A 524 -12.24 7.43 21.23
C LEU A 524 -13.30 7.97 22.17
N PHE A 525 -12.93 8.89 23.07
CA PHE A 525 -13.83 9.30 24.15
C PHE A 525 -14.24 10.76 24.06
N SER A 526 -14.11 11.38 22.91
CA SER A 526 -14.55 12.78 22.76
C SER A 526 -16.06 13.02 22.74
N PRO A 527 -16.93 12.11 22.25
CA PRO A 527 -18.37 12.32 22.45
C PRO A 527 -18.84 12.28 23.90
N VAL A 528 -18.03 11.81 24.85
CA VAL A 528 -18.42 11.83 26.25
C VAL A 528 -18.45 13.26 26.77
N TRP A 529 -17.50 14.08 26.34
CA TRP A 529 -17.42 15.47 26.76
C TRP A 529 -16.91 16.27 25.57
N PRO A 530 -17.74 17.09 24.95
CA PRO A 530 -17.32 17.80 23.73
C PRO A 530 -16.41 18.99 23.96
N LEU A 531 -15.95 19.25 25.19
CA LEU A 531 -14.95 20.28 25.44
C LEU A 531 -13.54 19.72 25.52
N VAL A 532 -13.37 18.43 25.24
CA VAL A 532 -12.03 17.88 25.01
C VAL A 532 -11.27 18.57 23.87
N PRO A 533 -11.86 18.86 22.69
CA PRO A 533 -11.08 19.62 21.70
C PRO A 533 -10.76 21.04 22.10
N VAL A 534 -11.60 21.70 22.90
CA VAL A 534 -11.29 23.04 23.38
C VAL A 534 -10.13 22.99 24.36
N SER A 535 -10.14 22.01 25.25
CA SER A 535 -9.06 21.85 26.22
C SER A 535 -7.76 21.44 25.55
N PHE A 536 -7.85 20.78 24.39
CA PHE A 536 -6.63 20.46 23.65
C PHE A 536 -6.13 21.67 22.85
N LEU A 537 -7.04 22.46 22.29
CA LEU A 537 -6.64 23.61 21.49
C LEU A 537 -6.03 24.71 22.35
N ILE A 538 -6.55 24.91 23.56
CA ILE A 538 -5.99 25.90 24.46
C ILE A 538 -4.58 25.49 24.89
N ASN A 539 -4.39 24.21 25.20
CA ASN A 539 -3.07 23.72 25.60
C ASN A 539 -2.07 23.76 24.44
N ASN A 540 -2.55 23.47 23.22
CA ASN A 540 -1.67 23.54 22.06
C ASN A 540 -1.31 24.98 21.71
N TRP A 541 -2.25 25.91 21.88
CA TRP A 541 -1.93 27.31 21.63
C TRP A 541 -1.02 27.88 22.71
N VAL A 542 -1.07 27.33 23.92
CA VAL A 542 -0.12 27.73 24.96
C VAL A 542 1.27 27.18 24.65
N GLU A 543 1.35 25.89 24.32
CA GLU A 543 2.63 25.23 24.10
C GLU A 543 3.15 25.35 22.67
N LEU A 544 2.50 26.17 21.84
CA LEU A 544 3.01 26.41 20.49
C LEU A 544 4.32 27.19 20.51
N ARG A 545 4.44 28.13 21.44
CA ARG A 545 5.66 28.93 21.59
C ARG A 545 6.63 28.31 22.58
N SER A 546 6.53 27.00 22.78
CA SER A 546 7.43 26.28 23.67
C SER A 546 8.32 25.28 22.95
N ASP A 547 8.00 24.92 21.71
CA ASP A 547 8.86 24.06 20.91
C ASP A 547 9.92 24.82 20.16
N PHE A 548 9.61 26.03 19.69
CA PHE A 548 10.62 26.91 19.09
C PHE A 548 11.69 27.30 20.11
N PHE A 549 11.26 27.66 21.32
CA PHE A 549 12.18 27.99 22.41
C PHE A 549 13.06 26.80 22.76
N LYS A 550 12.47 25.61 22.81
CA LYS A 550 13.21 24.41 23.16
C LYS A 550 14.25 24.06 22.10
N ILE A 551 13.86 24.10 20.81
CA ILE A 551 14.80 23.72 19.77
C ILE A 551 15.80 24.84 19.48
N CYS A 552 15.54 26.07 19.91
CA CYS A 552 16.46 27.14 19.56
C CYS A 552 17.45 27.45 20.67
N VAL A 553 17.02 27.52 21.93
CA VAL A 553 17.91 27.93 23.00
C VAL A 553 18.09 26.87 24.09
N GLU A 554 17.22 25.85 24.17
CA GLU A 554 17.30 24.93 25.28
C GLU A 554 18.15 23.70 25.01
N CYS A 555 18.16 23.19 23.78
CA CYS A 555 19.01 22.06 23.43
C CYS A 555 19.78 22.39 22.17
N LYS A 556 20.83 21.60 21.92
CA LYS A 556 21.76 21.90 20.85
C LYS A 556 21.14 21.61 19.49
N ARG A 557 21.77 22.16 18.46
CA ARG A 557 21.22 22.07 17.11
C ARG A 557 21.40 20.65 16.58
N PRO A 558 20.33 20.01 16.10
CA PRO A 558 20.48 18.68 15.53
C PRO A 558 21.12 18.75 14.15
N TRP A 559 21.82 17.68 13.78
CA TRP A 559 22.33 17.58 12.42
C TRP A 559 21.15 17.43 11.47
N PRO A 560 21.23 18.02 10.26
CA PRO A 560 20.05 18.06 9.39
C PRO A 560 19.69 16.70 8.84
N GLN A 561 18.66 16.10 9.41
CA GLN A 561 18.24 14.76 9.05
C GLN A 561 17.16 14.84 7.97
N ARG A 562 17.27 13.99 6.98
CA ARG A 562 16.28 13.93 5.91
C ARG A 562 15.15 12.98 6.29
N ALA A 563 13.97 13.27 5.76
CA ALA A 563 12.78 12.46 6.02
C ALA A 563 11.83 12.62 4.85
N ASP A 564 10.94 11.64 4.68
CA ASP A 564 9.82 11.77 3.77
C ASP A 564 8.48 11.66 4.48
N THR A 565 8.48 11.47 5.80
CA THR A 565 7.27 11.33 6.59
C THR A 565 7.60 11.68 8.03
N ILE A 566 6.54 11.84 8.84
CA ILE A 566 6.73 12.06 10.27
C ILE A 566 7.12 10.79 11.00
N GLY A 567 6.95 9.63 10.37
CA GLY A 567 7.37 8.39 10.96
C GLY A 567 6.24 7.36 10.97
N PRO A 568 6.34 6.38 11.86
CA PRO A 568 5.26 5.40 11.97
C PRO A 568 4.17 5.81 12.94
N TRP A 569 4.14 7.09 13.31
CA TRP A 569 3.03 7.63 14.08
C TRP A 569 1.78 7.80 13.23
N LEU A 570 1.94 7.93 11.92
CA LEU A 570 0.80 8.13 11.03
C LEU A 570 -0.03 6.86 10.88
N ASP A 571 0.55 5.69 11.15
CA ASP A 571 -0.23 4.47 11.22
C ASP A 571 -0.91 4.31 12.57
N SER A 572 -0.28 4.82 13.63
CA SER A 572 -0.89 4.82 14.95
C SER A 572 -2.12 5.72 14.98
N LEU A 573 -2.09 6.82 14.24
CA LEU A 573 -3.26 7.68 14.13
C LEU A 573 -4.41 6.97 13.42
N GLY A 574 -4.11 6.19 12.38
CA GLY A 574 -5.15 5.46 11.69
C GLY A 574 -5.73 4.34 12.53
N PHE A 575 -4.88 3.65 13.30
CA PHE A 575 -5.37 2.64 14.23
C PHE A 575 -6.22 3.26 15.33
N LEU A 576 -5.86 4.44 15.80
CA LEU A 576 -6.65 5.13 16.82
C LEU A 576 -8.01 5.55 16.27
N SER A 577 -8.04 5.99 15.01
CA SER A 577 -9.32 6.34 14.39
C SER A 577 -10.20 5.12 14.18
N TRP A 578 -9.59 3.98 13.81
CA TRP A 578 -10.33 2.73 13.64
C TRP A 578 -10.92 2.25 14.96
N VAL A 579 -10.13 2.28 16.04
CA VAL A 579 -10.63 1.88 17.35
C VAL A 579 -11.69 2.87 17.86
N GLY A 580 -11.51 4.16 17.55
CA GLY A 580 -12.46 5.16 18.00
C GLY A 580 -13.80 5.08 17.30
N SER A 581 -13.82 4.62 16.05
CA SER A 581 -15.08 4.45 15.33
C SER A 581 -15.95 3.36 15.96
N ILE A 582 -15.34 2.38 16.61
CA ILE A 582 -16.10 1.38 17.35
C ILE A 582 -16.45 1.89 18.74
N THR A 583 -15.47 2.50 19.42
CA THR A 583 -15.63 2.86 20.83
C THR A 583 -16.64 4.00 21.01
N SER A 584 -16.56 5.04 20.18
CA SER A 584 -17.48 6.16 20.32
C SER A 584 -18.91 5.77 19.95
N SER A 585 -19.08 4.89 18.96
CA SER A 585 -20.42 4.43 18.61
C SER A 585 -21.02 3.56 19.71
N ALA A 586 -20.19 2.71 20.33
CA ALA A 586 -20.67 1.92 21.47
C ALA A 586 -21.02 2.80 22.65
N LEU A 587 -20.25 3.86 22.90
CA LEU A 587 -20.56 4.78 23.99
C LEU A 587 -21.83 5.57 23.73
N VAL A 588 -22.03 6.01 22.49
CA VAL A 588 -23.23 6.76 22.14
C VAL A 588 -24.47 5.88 22.22
N TYR A 589 -24.37 4.61 21.83
CA TYR A 589 -25.50 3.72 22.04
C TYR A 589 -25.75 3.41 23.51
N MET A 590 -24.70 3.20 24.31
CA MET A 590 -24.89 2.78 25.69
C MET A 590 -25.34 3.90 26.61
N PHE A 591 -25.02 5.16 26.27
CA PHE A 591 -25.15 6.22 27.27
C PHE A 591 -25.94 7.43 26.78
N SER A 592 -26.69 7.33 25.68
CA SER A 592 -27.56 8.42 25.26
C SER A 592 -28.98 8.17 25.76
N ASN A 593 -29.65 9.26 26.14
CA ASN A 593 -31.02 9.29 26.67
C ASN A 593 -31.22 8.36 27.87
N THR A 604 -32.42 -1.57 30.58
CA THR A 604 -32.11 -2.47 29.48
C THR A 604 -30.98 -1.92 28.63
N ILE A 605 -30.32 -2.79 27.87
CA ILE A 605 -29.23 -2.35 27.00
C ILE A 605 -29.49 -2.82 25.57
N ARG A 606 -30.33 -3.84 25.41
CA ARG A 606 -30.70 -4.45 24.13
C ARG A 606 -29.46 -4.87 23.33
N CYS A 607 -28.78 -5.88 23.86
CA CYS A 607 -27.43 -6.29 23.45
C CYS A 607 -27.26 -6.69 21.99
N TRP A 608 -28.36 -6.95 21.28
CA TRP A 608 -28.24 -7.16 19.83
C TRP A 608 -28.02 -5.85 19.10
N ALA A 609 -28.67 -4.77 19.55
CA ALA A 609 -28.54 -3.50 18.86
C ALA A 609 -27.19 -2.85 19.11
N LEU A 610 -26.56 -3.13 20.26
CA LEU A 610 -25.22 -2.62 20.53
C LEU A 610 -24.20 -3.24 19.59
N LEU A 611 -24.24 -4.55 19.43
CA LEU A 611 -23.34 -5.20 18.50
C LEU A 611 -23.79 -5.08 17.05
N LEU A 612 -24.97 -4.53 16.79
CA LEU A 612 -25.33 -4.10 15.45
C LEU A 612 -24.77 -2.73 15.11
N THR A 613 -24.85 -1.78 16.04
CA THR A 613 -24.31 -0.45 15.80
C THR A 613 -22.80 -0.39 15.99
N ILE A 614 -22.18 -1.44 16.52
CA ILE A 614 -20.73 -1.56 16.42
C ILE A 614 -20.33 -1.95 15.00
N PHE A 615 -21.00 -2.99 14.48
CA PHE A 615 -20.68 -3.55 13.16
C PHE A 615 -20.93 -2.54 12.05
N PHE A 616 -22.10 -1.91 12.06
CA PHE A 616 -22.45 -0.99 10.98
C PHE A 616 -21.62 0.29 11.03
N SER A 617 -21.28 0.76 12.24
CA SER A 617 -20.47 1.97 12.32
C SER A 617 -19.02 1.70 11.94
N GLU A 618 -18.49 0.52 12.27
CA GLU A 618 -17.13 0.19 11.85
C GLU A 618 -17.03 0.04 10.34
N HIS A 619 -18.00 -0.63 9.72
CA HIS A 619 -17.89 -0.80 8.28
C HIS A 619 -18.29 0.45 7.51
N LEU A 620 -19.13 1.30 8.10
CA LEU A 620 -19.36 2.63 7.52
C LEU A 620 -18.13 3.50 7.63
N TYR A 621 -17.36 3.36 8.72
CA TYR A 621 -16.08 4.04 8.85
C TYR A 621 -15.12 3.60 7.75
N LEU A 622 -15.05 2.29 7.49
CA LEU A 622 -14.13 1.79 6.47
C LEU A 622 -14.54 2.25 5.07
N ILE A 623 -15.84 2.25 4.78
CA ILE A 623 -16.34 2.69 3.49
C ILE A 623 -16.09 4.19 3.28
N VAL A 624 -16.37 5.00 4.30
CA VAL A 624 -16.18 6.45 4.20
C VAL A 624 -14.69 6.79 4.16
N ARG A 625 -13.84 6.01 4.83
CA ARG A 625 -12.40 6.24 4.75
C ARG A 625 -11.86 5.92 3.36
N TYR A 626 -12.35 4.83 2.76
CA TYR A 626 -11.96 4.52 1.37
C TYR A 626 -12.44 5.61 0.41
N ALA A 627 -13.65 6.15 0.65
CA ALA A 627 -14.17 7.20 -0.20
C ALA A 627 -13.37 8.49 -0.07
N VAL A 628 -13.00 8.87 1.15
CA VAL A 628 -12.23 10.09 1.38
C VAL A 628 -10.82 9.96 0.81
N ARG A 629 -10.22 8.78 0.95
CA ARG A 629 -8.90 8.54 0.39
C ARG A 629 -8.92 8.57 -1.13
N SER A 630 -9.94 7.97 -1.75
CA SER A 630 -10.04 8.00 -3.21
C SER A 630 -10.41 9.38 -3.74
N ALA A 631 -11.11 10.18 -2.94
CA ALA A 631 -11.42 11.54 -3.37
C ALA A 631 -10.23 12.47 -3.22
N LEU A 632 -9.39 12.25 -2.21
CA LEU A 632 -8.20 13.07 -2.05
C LEU A 632 -7.04 12.62 -2.93
N ALA A 633 -7.09 11.40 -3.44
CA ALA A 633 -6.08 10.98 -4.41
C ALA A 633 -6.29 11.63 -5.76
N LYS A 634 -7.54 12.01 -6.05
CA LYS A 634 -7.90 12.66 -7.35
C LYS A 634 -7.30 14.07 -7.40
N LEU A 635 -7.54 14.86 -6.36
CA LEU A 635 -7.06 16.24 -6.30
C LEU A 635 -5.56 16.24 -6.02
N GLU A 636 -4.78 16.81 -6.94
CA GLU A 636 -3.34 16.78 -6.84
C GLU A 636 -2.80 18.05 -6.19
N PRO A 637 -1.92 17.93 -5.21
CA PRO A 637 -1.27 19.12 -4.61
C PRO A 637 -0.37 19.82 -5.62
N PRO A 638 -0.09 21.12 -5.45
CA PRO A 638 0.64 21.84 -6.49
C PRO A 638 2.12 21.49 -6.58
N ASN A 639 2.81 21.33 -5.45
CA ASN A 639 4.26 21.12 -5.51
C ASN A 639 4.63 19.67 -5.83
N THR A 640 3.68 18.75 -5.86
CA THR A 640 3.93 17.45 -6.44
C THR A 640 3.39 17.34 -7.85
N ARG A 641 2.59 18.31 -8.28
CA ARG A 641 2.22 18.42 -9.69
C ARG A 641 3.31 19.08 -10.51
N ARG A 642 4.02 20.05 -9.93
CA ARG A 642 5.15 20.67 -10.61
C ARG A 642 6.28 19.67 -10.82
N GLU A 643 6.54 18.80 -9.84
CA GLU A 643 7.53 17.75 -10.00
C GLU A 643 7.14 16.71 -11.04
N ARG A 644 5.85 16.37 -11.12
CA ARG A 644 5.39 15.44 -12.15
C ARG A 644 5.48 16.06 -13.53
N ILE A 645 5.17 17.35 -13.64
CA ILE A 645 5.28 18.04 -14.93
C ILE A 645 6.74 18.14 -15.36
N GLU A 646 7.64 18.41 -14.42
CA GLU A 646 9.07 18.49 -14.74
C GLU A 646 9.63 17.12 -15.12
N ARG A 647 9.22 16.06 -14.42
CA ARG A 647 9.69 14.72 -14.77
C ARG A 647 9.05 14.22 -16.06
N PHE A 648 7.89 14.77 -16.44
CA PHE A 648 7.31 14.43 -17.73
C PHE A 648 8.03 15.14 -18.87
N MET A 649 8.37 16.42 -18.68
CA MET A 649 9.06 17.16 -19.74
C MET A 649 10.50 16.70 -19.90
N MET A 650 11.14 16.31 -18.81
CA MET A 650 12.51 15.79 -18.88
C MET A 650 12.59 14.46 -19.61
N ARG A 651 11.51 13.67 -19.60
CA ARG A 651 11.43 12.45 -20.39
C ARG A 651 11.00 12.70 -21.82
N LYS A 652 10.08 13.64 -22.04
CA LYS A 652 9.63 13.98 -23.39
C LYS A 652 10.73 14.61 -24.22
N ARG A 653 11.59 15.44 -23.63
CA ARG A 653 12.73 16.02 -24.34
C ARG A 653 13.73 14.95 -24.75
N TYR A 654 14.03 14.00 -23.86
CA TYR A 654 14.95 12.91 -24.19
C TYR A 654 14.37 11.99 -25.26
N LEU A 655 13.06 11.72 -25.18
CA LEU A 655 12.43 10.86 -26.17
C LEU A 655 12.34 11.54 -27.53
N ASP A 656 12.11 12.85 -27.56
CA ASP A 656 12.16 13.58 -28.82
C ASP A 656 13.58 13.75 -29.33
N THR A 657 14.58 13.66 -28.44
CA THR A 657 15.97 13.69 -28.88
C THR A 657 16.35 12.38 -29.56
N VAL A 658 15.99 11.24 -28.96
CA VAL A 658 16.40 9.96 -29.53
C VAL A 658 15.61 9.57 -30.78
N LEU A 659 14.54 10.29 -31.12
CA LEU A 659 13.86 10.07 -32.38
C LEU A 659 13.48 11.39 -33.03
N THR A 702 9.84 -18.45 -48.94
CA THR A 702 10.14 -17.70 -47.72
C THR A 702 10.62 -16.30 -48.06
N GLU A 703 11.80 -16.21 -48.68
CA GLU A 703 12.36 -14.93 -49.07
C GLU A 703 11.80 -14.40 -50.39
N ARG A 704 11.24 -15.28 -51.22
CA ARG A 704 10.60 -14.86 -52.46
C ARG A 704 9.20 -14.30 -52.24
N PHE A 705 8.65 -14.45 -51.04
CA PHE A 705 7.37 -13.83 -50.71
C PHE A 705 7.49 -12.33 -50.59
N TRP A 706 8.60 -11.84 -50.04
CA TRP A 706 8.84 -10.41 -49.88
C TRP A 706 9.64 -9.84 -51.05
N MET A 707 9.21 -10.14 -52.27
CA MET A 707 9.87 -9.60 -53.46
C MET A 707 8.90 -9.12 -54.53
N ARG A 708 7.62 -9.46 -54.45
CA ARG A 708 6.67 -9.12 -55.51
C ARG A 708 6.24 -7.66 -55.46
N GLN A 709 6.49 -6.96 -54.36
CA GLN A 709 6.08 -5.56 -54.21
C GLN A 709 7.23 -4.80 -53.55
N ARG A 710 8.08 -4.20 -54.37
CA ARG A 710 9.17 -3.38 -53.85
C ARG A 710 8.65 -1.99 -53.51
N GLY A 711 9.07 -1.48 -52.35
CA GLY A 711 8.59 -0.19 -51.90
C GLY A 711 7.16 -0.28 -51.40
N TRP A 712 6.46 0.84 -51.45
CA TRP A 712 5.06 0.88 -51.04
C TRP A 712 4.11 1.39 -52.12
N LYS A 713 4.59 2.07 -53.15
CA LYS A 713 3.72 2.53 -54.22
C LYS A 713 3.25 1.36 -55.08
N GLU A 714 4.11 0.35 -55.24
CA GLU A 714 3.70 -0.87 -55.91
C GLU A 714 2.68 -1.63 -55.07
N SER A 715 2.82 -1.57 -53.74
CA SER A 715 1.84 -2.19 -52.85
C SER A 715 0.50 -1.48 -52.95
N ALA A 716 0.54 -0.15 -53.11
CA ALA A 716 -0.70 0.60 -53.30
C ALA A 716 -1.32 0.30 -54.67
N GLU A 717 -0.49 0.03 -55.67
CA GLU A 717 -1.01 -0.36 -56.99
C GLU A 717 -1.68 -1.73 -56.93
N VAL A 718 -1.07 -2.68 -56.21
CA VAL A 718 -1.68 -4.00 -56.04
C VAL A 718 -2.97 -3.90 -55.22
N GLY A 719 -3.00 -3.01 -54.23
CA GLY A 719 -4.21 -2.76 -53.47
C GLY A 719 -5.34 -2.18 -54.29
N LEU A 720 -5.03 -1.18 -55.11
CA LEU A 720 -6.06 -0.57 -55.96
C LEU A 720 -6.51 -1.52 -57.06
N SER A 721 -5.64 -2.45 -57.47
CA SER A 721 -6.05 -3.47 -58.42
C SER A 721 -6.89 -4.55 -57.76
N LEU A 722 -6.67 -4.78 -56.46
CA LEU A 722 -7.35 -5.85 -55.75
C LEU A 722 -8.70 -5.44 -55.18
N ILE A 723 -8.92 -4.14 -54.92
CA ILE A 723 -10.25 -3.71 -54.49
C ILE A 723 -11.25 -3.81 -55.64
N THR A 724 -10.90 -3.27 -56.80
CA THR A 724 -11.77 -3.34 -57.97
C THR A 724 -11.55 -4.65 -58.71
N GLN B 11 11.20 -20.09 -42.23
CA GLN B 11 10.40 -20.79 -41.23
C GLN B 11 9.06 -21.22 -41.81
N GLU B 12 8.14 -21.63 -40.94
CA GLU B 12 6.80 -21.98 -41.38
C GLU B 12 6.03 -20.75 -41.84
N ASN B 13 5.92 -19.76 -40.98
CA ASN B 13 5.49 -18.44 -41.42
C ASN B 13 6.61 -17.80 -42.23
N HIS B 14 6.25 -17.02 -43.25
CA HIS B 14 7.23 -16.45 -44.16
C HIS B 14 7.84 -15.16 -43.59
N HIS B 15 8.52 -15.32 -42.45
CA HIS B 15 9.13 -14.26 -41.65
C HIS B 15 8.13 -13.17 -41.25
N VAL B 16 6.85 -13.50 -41.20
CA VAL B 16 5.81 -12.50 -41.01
C VAL B 16 5.72 -12.15 -39.52
N ASP B 17 5.90 -10.87 -39.22
CA ASP B 17 5.69 -10.40 -37.86
C ASP B 17 4.21 -10.21 -37.55
N TYR B 18 3.54 -9.34 -38.31
CA TYR B 18 2.12 -9.10 -38.08
C TYR B 18 1.39 -9.12 -39.41
N VAL B 19 0.06 -9.12 -39.32
CA VAL B 19 -0.80 -9.04 -40.50
C VAL B 19 -2.00 -8.17 -40.16
N ILE B 20 -2.28 -7.20 -41.02
CA ILE B 20 -3.22 -6.11 -40.75
C ILE B 20 -4.36 -6.23 -41.74
N ARG B 21 -5.57 -6.50 -41.24
CA ARG B 21 -6.72 -6.72 -42.10
C ARG B 21 -7.48 -5.42 -42.32
N PHE B 22 -7.58 -4.99 -43.58
CA PHE B 22 -8.23 -3.76 -43.98
C PHE B 22 -9.51 -4.15 -44.71
N ASN B 23 -10.65 -3.78 -44.15
CA ASN B 23 -11.94 -4.12 -44.76
C ASN B 23 -12.46 -2.96 -45.59
N TYR B 24 -13.19 -3.29 -46.65
CA TYR B 24 -13.74 -2.27 -47.54
C TYR B 24 -15.20 -2.58 -47.87
N GLY B 25 -15.87 -3.31 -46.98
CA GLY B 25 -17.25 -3.70 -47.22
C GLY B 25 -18.25 -2.63 -46.81
N ASP B 26 -17.76 -1.57 -46.16
CA ASP B 26 -18.61 -0.48 -45.71
C ASP B 26 -18.20 0.88 -46.24
N ILE B 27 -17.21 0.94 -47.14
CA ILE B 27 -16.76 2.20 -47.70
C ILE B 27 -17.05 2.21 -49.20
N ASP B 28 -16.78 3.34 -49.84
CA ASP B 28 -17.00 3.46 -51.29
C ASP B 28 -15.83 2.87 -52.06
N THR B 29 -15.90 2.93 -53.38
CA THR B 29 -14.83 2.40 -54.21
C THR B 29 -13.66 3.37 -54.23
N PRO B 30 -13.91 4.68 -54.35
CA PRO B 30 -12.82 5.65 -54.39
C PRO B 30 -12.34 6.12 -53.02
N GLU B 31 -13.13 5.94 -51.97
CA GLU B 31 -12.72 6.33 -50.63
C GLU B 31 -11.76 5.33 -50.00
N ALA B 32 -11.87 4.05 -50.34
CA ALA B 32 -11.00 3.03 -49.78
C ALA B 32 -9.60 3.09 -50.35
N ILE B 33 -9.41 3.67 -51.54
CA ILE B 33 -8.08 3.75 -52.14
C ILE B 33 -7.22 4.83 -51.48
N LYS B 34 -7.83 5.77 -50.77
CA LYS B 34 -7.08 6.82 -50.10
C LYS B 34 -6.70 6.41 -48.67
N LYS B 35 -7.63 5.76 -47.96
CA LYS B 35 -7.34 5.26 -46.62
C LYS B 35 -6.33 4.13 -46.65
N PHE B 36 -6.27 3.38 -47.74
CA PHE B 36 -5.25 2.36 -47.93
C PHE B 36 -3.87 2.96 -48.17
N GLU B 37 -3.81 4.02 -48.99
CA GLU B 37 -2.55 4.70 -49.23
C GLU B 37 -2.05 5.41 -47.97
N VAL B 38 -2.96 5.94 -47.15
CA VAL B 38 -2.57 6.55 -45.89
C VAL B 38 -2.02 5.51 -44.93
N LEU B 39 -2.62 4.31 -44.92
CA LEU B 39 -2.13 3.23 -44.07
C LEU B 39 -0.76 2.75 -44.51
N LEU B 40 -0.56 2.62 -45.83
CA LEU B 40 0.74 2.18 -46.33
C LEU B 40 1.82 3.24 -46.13
N LEU B 41 1.46 4.52 -46.25
CA LEU B 41 2.44 5.57 -46.01
C LEU B 41 2.79 5.68 -44.52
N GLU B 42 1.81 5.46 -43.64
CA GLU B 42 2.09 5.48 -42.22
C GLU B 42 2.91 4.26 -41.80
N LEU B 43 2.70 3.12 -42.45
CA LEU B 43 3.52 1.95 -42.18
C LEU B 43 4.92 2.05 -42.78
N SER B 44 5.08 2.81 -43.86
CA SER B 44 6.38 2.98 -44.47
C SER B 44 7.17 4.16 -43.89
N GLU B 45 6.51 5.05 -43.15
CA GLU B 45 7.23 6.11 -42.44
C GLU B 45 8.10 5.53 -41.34
N VAL B 46 7.60 4.54 -40.61
CA VAL B 46 8.44 3.71 -39.77
C VAL B 46 9.04 2.59 -40.60
N GLY B 47 10.05 1.93 -40.06
CA GLY B 47 10.77 0.92 -40.82
C GLY B 47 10.06 -0.41 -40.92
N LEU B 48 8.94 -0.46 -41.64
CA LEU B 48 8.16 -1.68 -41.79
C LEU B 48 7.96 -1.96 -43.28
N GLN B 49 8.33 -3.16 -43.72
CA GLN B 49 8.15 -3.60 -45.08
C GLN B 49 6.78 -4.26 -45.24
N THR B 50 6.00 -3.78 -46.21
CA THR B 50 4.62 -4.21 -46.37
C THR B 50 4.45 -5.04 -47.63
N GLU B 51 3.53 -6.00 -47.58
CA GLU B 51 3.20 -6.85 -48.73
C GLU B 51 1.71 -7.13 -48.68
N VAL B 52 1.01 -6.88 -49.78
CA VAL B 52 -0.44 -6.92 -49.81
C VAL B 52 -0.92 -8.15 -50.56
N ARG B 53 -1.89 -8.86 -49.96
CA ARG B 53 -2.53 -9.99 -50.62
C ARG B 53 -4.03 -9.93 -50.35
N GLN B 54 -4.80 -10.69 -51.12
CA GLN B 54 -6.24 -10.71 -50.98
C GLN B 54 -6.65 -11.61 -49.81
N GLY B 55 -7.63 -11.17 -49.04
CA GLY B 55 -8.13 -11.96 -47.93
C GLY B 55 -9.51 -12.54 -48.16
N ASP B 56 -10.50 -11.96 -47.50
CA ASP B 56 -11.89 -12.37 -47.64
C ASP B 56 -12.58 -11.46 -48.65
N GLU B 57 -13.85 -11.79 -48.95
CA GLU B 57 -14.56 -11.20 -50.08
C GLU B 57 -14.86 -9.71 -49.90
N ASN B 58 -14.67 -9.17 -48.69
CA ASN B 58 -14.76 -7.75 -48.46
C ASN B 58 -13.57 -7.19 -47.70
N SER B 59 -12.45 -7.90 -47.63
CA SER B 59 -11.32 -7.44 -46.83
C SER B 59 -10.01 -8.00 -47.37
N LEU B 60 -9.00 -7.15 -47.44
CA LEU B 60 -7.67 -7.58 -47.86
C LEU B 60 -6.69 -7.27 -46.74
N PHE B 61 -5.73 -8.13 -46.50
CA PHE B 61 -4.77 -7.85 -45.44
C PHE B 61 -3.37 -7.64 -45.97
N VAL B 62 -2.63 -6.78 -45.28
CA VAL B 62 -1.23 -6.53 -45.59
C VAL B 62 -0.37 -7.26 -44.57
N PHE B 63 0.88 -7.51 -44.92
CA PHE B 63 1.80 -8.25 -44.08
C PHE B 63 2.93 -7.33 -43.65
N VAL B 64 3.16 -7.25 -42.34
CA VAL B 64 4.07 -6.29 -41.75
C VAL B 64 5.27 -7.03 -41.22
N ARG B 65 6.46 -6.64 -41.67
CA ARG B 65 7.74 -7.21 -41.29
C ARG B 65 8.69 -6.08 -40.93
N ALA B 66 9.73 -6.40 -40.17
CA ALA B 66 10.83 -5.46 -39.97
C ALA B 66 11.56 -5.26 -41.29
N ALA B 67 11.62 -4.00 -41.76
CA ALA B 67 12.09 -3.72 -43.11
C ALA B 67 13.59 -3.90 -43.24
N SER B 68 14.35 -3.65 -42.18
CA SER B 68 15.79 -3.80 -42.21
C SER B 68 16.27 -4.15 -40.80
N LYS B 69 17.56 -4.46 -40.68
CA LYS B 69 18.12 -4.70 -39.36
C LYS B 69 18.32 -3.38 -38.62
N LYS B 70 18.63 -2.30 -39.34
CA LYS B 70 18.82 -1.01 -38.71
C LYS B 70 17.50 -0.43 -38.21
N LYS B 71 16.42 -0.61 -38.97
CA LYS B 71 15.12 -0.14 -38.54
C LYS B 71 14.61 -0.94 -37.35
N LEU B 72 14.87 -2.25 -37.34
CA LEU B 72 14.50 -3.07 -36.19
C LEU B 72 15.31 -2.71 -34.96
N LYS B 73 16.60 -2.41 -35.13
CA LYS B 73 17.43 -1.99 -34.01
C LYS B 73 16.98 -0.65 -33.46
N ARG B 74 16.57 0.27 -34.35
CA ARG B 74 16.05 1.56 -33.91
C ARG B 74 14.72 1.39 -33.18
N ALA B 75 13.90 0.42 -33.62
CA ALA B 75 12.63 0.15 -32.95
C ALA B 75 12.84 -0.42 -31.55
N VAL B 76 13.77 -1.37 -31.41
CA VAL B 76 14.08 -1.96 -30.11
C VAL B 76 14.68 -0.90 -29.19
N TYR B 77 15.52 -0.02 -29.74
CA TYR B 77 16.12 1.03 -28.92
C TYR B 77 15.09 2.06 -28.48
N GLN B 78 14.14 2.41 -29.35
CA GLN B 78 13.10 3.37 -28.96
C GLN B 78 12.16 2.77 -27.92
N SER B 79 11.81 1.49 -28.07
CA SER B 79 10.96 0.85 -27.06
C SER B 79 11.68 0.68 -25.74
N ARG B 80 12.98 0.40 -25.77
CA ARG B 80 13.74 0.32 -24.53
C ARG B 80 13.91 1.70 -23.88
N VAL B 81 14.01 2.76 -24.68
CA VAL B 81 14.06 4.11 -24.14
C VAL B 81 12.73 4.47 -23.48
N ARG B 82 11.61 4.09 -24.10
CA ARG B 82 10.31 4.35 -23.48
C ARG B 82 10.12 3.54 -22.20
N ASP B 83 10.60 2.29 -22.18
CA ASP B 83 10.51 1.47 -20.98
C ASP B 83 11.43 1.96 -19.87
N TRP B 84 12.58 2.54 -20.22
CA TRP B 84 13.48 3.09 -19.20
C TRP B 84 12.98 4.43 -18.69
N LEU B 85 12.32 5.21 -19.54
CA LEU B 85 11.80 6.51 -19.12
C LEU B 85 10.54 6.37 -18.29
N TYR B 86 9.71 5.37 -18.60
CA TYR B 86 8.49 5.17 -17.81
C TYR B 86 8.75 4.43 -16.51
N GLY B 87 9.92 3.78 -16.38
CA GLY B 87 10.29 3.12 -15.14
C GLY B 87 10.33 1.61 -15.21
N VAL B 88 10.08 1.00 -16.36
CA VAL B 88 10.11 -0.46 -16.46
C VAL B 88 11.54 -0.96 -16.45
N ARG B 89 12.43 -0.31 -17.20
CA ARG B 89 13.81 -0.70 -17.34
C ARG B 89 14.70 0.16 -16.44
N ASN B 90 15.68 -0.49 -15.83
CA ASN B 90 16.62 0.21 -14.95
C ASN B 90 18.05 -0.08 -15.34
N THR B 91 18.36 0.03 -16.63
CA THR B 91 19.68 -0.37 -17.11
C THR B 91 20.34 0.69 -17.97
N GLU B 92 19.58 1.75 -18.35
CA GLU B 92 20.03 2.89 -19.15
C GLU B 92 20.57 2.43 -20.50
N PRO B 93 19.71 2.04 -21.43
CA PRO B 93 20.16 1.30 -22.62
C PRO B 93 20.98 2.15 -23.57
N GLU B 94 21.76 1.48 -24.42
CA GLU B 94 22.63 2.15 -25.37
C GLU B 94 22.02 2.20 -26.76
N GLN B 102 15.64 -9.53 -29.15
CA GLN B 102 16.03 -10.34 -27.99
C GLN B 102 15.40 -11.72 -28.06
N SER B 103 14.09 -11.76 -28.29
CA SER B 103 13.36 -13.02 -28.38
C SER B 103 12.21 -12.83 -29.36
N GLU B 104 11.31 -13.81 -29.43
CA GLU B 104 10.16 -13.69 -30.33
C GLU B 104 9.13 -12.72 -29.77
N ALA B 105 8.87 -12.82 -28.46
CA ALA B 105 7.88 -11.94 -27.83
C ALA B 105 8.36 -10.50 -27.78
N GLU B 106 9.68 -10.33 -27.61
CA GLU B 106 10.30 -8.99 -27.54
C GLU B 106 10.21 -8.31 -28.92
N ARG B 107 10.47 -9.07 -29.99
CA ARG B 107 10.40 -8.55 -31.36
C ARG B 107 8.95 -8.25 -31.75
N LEU B 108 8.02 -9.14 -31.39
CA LEU B 108 6.61 -8.91 -31.68
C LEU B 108 6.07 -7.73 -30.89
N LEU B 109 6.55 -7.52 -29.66
CA LEU B 109 6.10 -6.39 -28.86
C LEU B 109 6.61 -5.07 -29.42
N VAL B 110 7.88 -5.01 -29.83
CA VAL B 110 8.38 -3.76 -30.38
C VAL B 110 7.81 -3.49 -31.78
N ILE B 111 7.42 -4.52 -32.53
CA ILE B 111 6.77 -4.25 -33.82
C ILE B 111 5.32 -3.82 -33.61
N TYR B 112 4.62 -4.39 -32.62
CA TYR B 112 3.29 -3.90 -32.28
C TYR B 112 3.31 -2.49 -31.72
N HIS B 113 4.38 -2.11 -31.02
CA HIS B 113 4.55 -0.75 -30.56
C HIS B 113 4.98 0.19 -31.68
N LEU B 114 5.65 -0.32 -32.71
CA LEU B 114 5.83 0.42 -33.94
C LEU B 114 4.53 0.71 -34.66
N ILE B 115 3.61 -0.25 -34.72
CA ILE B 115 2.36 -0.04 -35.42
C ILE B 115 1.39 0.82 -34.63
N THR B 116 1.20 0.55 -33.34
CA THR B 116 0.07 1.10 -32.58
C THR B 116 0.58 1.91 -31.38
N VAL B 117 0.91 3.18 -31.60
CA VAL B 117 1.17 4.16 -30.53
C VAL B 117 0.58 5.50 -30.97
N PRO B 118 0.76 6.56 -30.18
CA PRO B 118 0.03 7.81 -30.47
C PRO B 118 0.76 8.77 -31.41
N LYS B 119 1.80 8.30 -32.11
CA LYS B 119 2.50 8.95 -33.22
C LYS B 119 3.38 10.12 -32.77
N ALA B 120 3.27 10.54 -31.50
CA ALA B 120 4.23 11.52 -30.98
C ALA B 120 5.56 10.85 -30.68
N GLU B 121 5.52 9.57 -30.35
CA GLU B 121 6.67 8.70 -30.26
C GLU B 121 6.37 7.43 -31.03
N GLY B 122 7.41 6.69 -31.39
CA GLY B 122 7.22 5.39 -32.01
C GLY B 122 6.82 5.46 -33.47
N GLY B 123 5.58 5.81 -33.74
CA GLY B 123 5.13 6.08 -35.09
C GLY B 123 3.87 5.30 -35.48
N ALA B 124 3.40 5.59 -36.69
CA ALA B 124 2.38 4.87 -37.48
C ALA B 124 0.95 5.02 -36.96
N GLY B 125 0.77 5.55 -35.75
CA GLY B 125 -0.50 6.05 -35.22
C GLY B 125 -1.77 5.24 -35.35
N ILE B 126 -1.67 3.93 -35.52
CA ILE B 126 -2.85 3.11 -35.82
C ILE B 126 -3.58 2.76 -34.54
N THR B 127 -4.87 3.08 -34.49
CA THR B 127 -5.79 2.52 -33.50
C THR B 127 -6.81 1.74 -34.30
N PRO B 128 -7.01 0.44 -34.01
CA PRO B 128 -7.65 -0.49 -34.97
C PRO B 128 -9.07 -0.15 -35.43
N ARG B 129 -9.99 0.17 -34.54
CA ARG B 129 -11.32 0.57 -34.99
C ARG B 129 -11.90 1.71 -34.15
N HIS B 130 -11.06 2.60 -33.65
CA HIS B 130 -11.52 3.66 -32.74
C HIS B 130 -11.89 4.93 -33.50
N GLY B 131 -10.93 5.51 -34.21
CA GLY B 131 -11.16 6.78 -34.89
C GLY B 131 -10.13 7.06 -35.96
N GLU B 132 -10.60 7.52 -37.13
CA GLU B 132 -9.85 7.80 -38.35
C GLU B 132 -9.17 6.56 -38.94
N TRP B 133 -9.51 5.38 -38.43
CA TRP B 133 -9.08 4.08 -38.93
C TRP B 133 -10.25 3.11 -38.84
N LYS B 134 -11.43 3.53 -39.30
CA LYS B 134 -12.62 2.70 -39.14
C LYS B 134 -12.61 1.53 -40.11
N ASN B 135 -11.94 1.66 -41.24
CA ASN B 135 -11.99 0.63 -42.28
C ASN B 135 -11.12 -0.58 -41.95
N VAL B 136 -10.00 -0.38 -41.25
CA VAL B 136 -9.12 -1.49 -40.91
C VAL B 136 -9.72 -2.29 -39.76
N ASP B 137 -9.66 -3.61 -39.87
CA ASP B 137 -10.16 -4.51 -38.84
C ASP B 137 -9.03 -4.80 -37.84
N ALA B 138 -9.19 -5.84 -37.02
CA ALA B 138 -8.19 -6.16 -36.01
C ALA B 138 -6.90 -6.67 -36.63
N ILE B 139 -5.79 -6.39 -35.96
CA ILE B 139 -4.47 -6.85 -36.37
C ILE B 139 -4.01 -7.90 -35.38
N PHE B 140 -3.15 -8.81 -35.84
CA PHE B 140 -2.85 -10.01 -35.07
C PHE B 140 -1.57 -10.64 -35.61
N PRO B 141 -0.79 -11.29 -34.77
CA PRO B 141 0.36 -12.06 -35.25
C PRO B 141 -0.08 -13.44 -35.71
N LEU B 142 0.87 -14.20 -36.24
CA LEU B 142 0.60 -15.53 -36.77
C LEU B 142 1.00 -16.58 -35.76
N HIS B 143 0.30 -17.71 -35.79
CA HIS B 143 0.51 -18.78 -34.81
C HIS B 143 1.82 -19.50 -35.07
N ASP B 144 2.60 -19.71 -34.02
CA ASP B 144 3.83 -20.50 -34.10
C ASP B 144 3.39 -21.96 -34.04
N GLU B 145 3.39 -22.59 -35.22
CA GLU B 145 2.90 -23.95 -35.35
C GLU B 145 3.77 -24.96 -34.61
N GLU B 146 5.07 -24.71 -34.58
CA GLU B 146 6.01 -25.60 -33.89
C GLU B 146 5.89 -25.48 -32.37
N THR B 147 5.31 -24.39 -31.90
CA THR B 147 5.14 -24.16 -30.46
C THR B 147 3.75 -24.54 -29.97
N ASN B 148 2.75 -24.56 -30.84
CA ASN B 148 1.43 -25.03 -30.45
C ASN B 148 1.05 -26.37 -31.06
N ARG B 149 2.00 -27.06 -31.68
CA ARG B 149 1.77 -28.46 -32.06
C ARG B 149 2.71 -29.41 -31.35
N GLN B 150 4.02 -29.15 -31.40
CA GLN B 150 5.02 -30.01 -30.78
C GLN B 150 5.23 -29.69 -29.31
N CYS B 151 4.48 -28.73 -28.77
CA CYS B 151 4.53 -28.45 -27.34
C CYS B 151 3.16 -28.36 -26.68
N MET B 152 2.08 -28.15 -27.43
CA MET B 152 0.75 -28.16 -26.84
C MET B 152 0.33 -29.58 -26.45
N ARG B 153 0.77 -30.58 -27.23
CA ARG B 153 0.52 -31.96 -26.81
C ARG B 153 1.70 -32.49 -26.01
N GLU B 154 2.15 -31.69 -25.04
CA GLU B 154 3.00 -32.13 -23.95
C GLU B 154 2.53 -31.41 -22.68
N TRP B 155 1.71 -30.38 -22.89
CA TRP B 155 1.20 -29.55 -21.81
C TRP B 155 -0.18 -29.98 -21.33
N SER B 156 -1.02 -30.51 -22.23
CA SER B 156 -2.35 -30.95 -21.86
C SER B 156 -2.32 -32.21 -21.01
N LYS B 157 -1.51 -33.19 -21.40
CA LYS B 157 -1.37 -34.42 -20.63
C LYS B 157 -0.14 -34.35 -19.73
N LYS B 158 -0.11 -33.32 -18.87
CA LYS B 158 1.02 -33.16 -17.96
C LYS B 158 0.58 -32.96 -16.52
N THR B 159 -0.53 -32.22 -16.34
CA THR B 159 -1.27 -31.94 -15.10
C THR B 159 -0.51 -30.95 -14.20
N PHE B 160 0.74 -30.67 -14.51
CA PHE B 160 1.55 -29.73 -13.74
C PHE B 160 2.65 -29.16 -14.63
N LEU B 161 2.92 -27.87 -14.48
CA LEU B 161 3.81 -27.15 -15.36
C LEU B 161 5.02 -26.64 -14.58
N SER B 162 6.21 -26.86 -15.14
CA SER B 162 7.42 -26.37 -14.52
C SER B 162 7.64 -24.89 -14.85
N THR B 163 8.64 -24.30 -14.22
CA THR B 163 8.96 -22.89 -14.49
C THR B 163 9.55 -22.72 -15.87
N GLU B 164 10.36 -23.70 -16.31
CA GLU B 164 10.84 -23.70 -17.69
C GLU B 164 9.73 -24.00 -18.68
N ASP B 165 8.62 -24.59 -18.22
CA ASP B 165 7.46 -24.77 -19.08
C ASP B 165 6.61 -23.50 -19.15
N LEU B 166 6.55 -22.72 -18.08
CA LEU B 166 5.92 -21.42 -18.13
C LEU B 166 6.75 -20.41 -18.89
N ASP B 167 8.06 -20.63 -18.99
CA ASP B 167 8.88 -19.78 -19.85
C ASP B 167 8.52 -19.94 -21.31
N ARG B 168 8.06 -21.12 -21.73
CA ARG B 168 7.61 -21.30 -23.10
C ARG B 168 6.27 -20.65 -23.37
N ILE B 169 5.41 -20.50 -22.36
CA ILE B 169 4.16 -19.78 -22.51
C ILE B 169 4.33 -18.30 -22.15
N ARG B 170 5.53 -17.90 -21.77
CA ARG B 170 5.85 -16.47 -21.72
C ARG B 170 6.52 -15.99 -23.00
N ASN B 171 7.44 -16.79 -23.54
CA ASN B 171 8.16 -16.42 -24.76
C ASN B 171 7.25 -16.43 -25.98
N THR B 172 6.21 -17.24 -25.96
CA THR B 172 5.08 -17.09 -26.87
C THR B 172 3.92 -16.56 -26.03
N PHE B 173 3.00 -15.84 -26.67
CA PHE B 173 1.76 -15.30 -26.11
C PHE B 173 1.95 -14.20 -25.05
N GLY B 174 3.18 -13.92 -24.64
CA GLY B 174 3.46 -12.80 -23.77
C GLY B 174 3.24 -13.05 -22.29
N GLU B 175 3.65 -12.06 -21.50
CA GLU B 175 3.62 -12.16 -20.04
C GLU B 175 2.21 -12.10 -19.47
N HIS B 176 1.24 -11.55 -20.20
CA HIS B 176 -0.14 -11.57 -19.76
C HIS B 176 -0.67 -13.00 -19.65
N VAL B 177 -0.53 -13.75 -20.74
CA VAL B 177 -0.88 -15.16 -20.76
C VAL B 177 0.00 -15.95 -19.79
N GLY B 178 1.27 -15.54 -19.63
CA GLY B 178 2.16 -16.21 -18.68
C GLY B 178 1.69 -16.09 -17.24
N PHE B 179 1.30 -14.87 -16.82
CA PHE B 179 0.76 -14.68 -15.48
C PHE B 179 -0.58 -15.37 -15.29
N TYR B 180 -1.42 -15.41 -16.34
CA TYR B 180 -2.70 -16.11 -16.22
C TYR B 180 -2.51 -17.60 -16.02
N PHE B 181 -1.60 -18.21 -16.78
CA PHE B 181 -1.37 -19.65 -16.63
C PHE B 181 -0.63 -19.97 -15.34
N ALA B 182 0.24 -19.08 -14.87
CA ALA B 182 0.89 -19.30 -13.58
C ALA B 182 -0.10 -19.18 -12.44
N PHE B 183 -1.09 -18.28 -12.56
CA PHE B 183 -2.12 -18.17 -11.54
C PHE B 183 -3.02 -19.40 -11.53
N LEU B 184 -3.35 -19.93 -12.72
CA LEU B 184 -4.15 -21.16 -12.76
C LEU B 184 -3.39 -22.34 -12.20
N GLN B 185 -2.08 -22.42 -12.45
CA GLN B 185 -1.27 -23.51 -11.89
C GLN B 185 -1.15 -23.40 -10.39
N SER B 186 -0.93 -22.19 -9.86
CA SER B 186 -0.83 -22.03 -8.41
C SER B 186 -2.17 -22.24 -7.72
N TYR B 187 -3.27 -21.86 -8.37
CA TYR B 187 -4.59 -22.10 -7.79
C TYR B 187 -4.94 -23.58 -7.81
N PHE B 188 -4.58 -24.30 -8.88
CA PHE B 188 -4.83 -25.74 -8.90
C PHE B 188 -3.93 -26.48 -7.91
N ARG B 189 -2.72 -25.97 -7.67
CA ARG B 189 -1.86 -26.61 -6.69
C ARG B 189 -2.31 -26.32 -5.27
N PHE B 190 -2.87 -25.13 -5.01
CA PHE B 190 -3.36 -24.81 -3.68
C PHE B 190 -4.76 -25.33 -3.41
N LEU B 191 -5.50 -25.71 -4.45
CA LEU B 191 -6.83 -26.28 -4.27
C LEU B 191 -6.77 -27.73 -3.81
N MET B 192 -5.61 -28.38 -3.89
CA MET B 192 -5.50 -29.77 -3.47
C MET B 192 -5.56 -29.92 -1.96
N PHE B 193 -5.30 -28.85 -1.21
CA PHE B 193 -5.40 -28.94 0.24
C PHE B 193 -6.84 -28.85 0.76
N PRO B 194 -7.72 -27.95 0.28
CA PRO B 194 -9.12 -28.07 0.72
C PRO B 194 -9.83 -29.25 0.11
N ALA B 195 -9.43 -29.70 -1.08
CA ALA B 195 -10.06 -30.89 -1.66
C ALA B 195 -9.71 -32.16 -0.91
N ALA B 196 -8.58 -32.19 -0.20
CA ALA B 196 -8.29 -33.30 0.69
C ALA B 196 -8.86 -33.08 2.08
N PHE B 197 -8.83 -31.84 2.57
CA PHE B 197 -9.24 -31.56 3.94
C PHE B 197 -10.75 -31.60 4.12
N GLY B 198 -11.52 -31.09 3.16
CA GLY B 198 -12.96 -31.13 3.28
C GLY B 198 -13.51 -32.53 3.10
N PHE B 199 -12.88 -33.33 2.23
CA PHE B 199 -13.21 -34.74 2.16
C PHE B 199 -12.82 -35.47 3.43
N SER B 200 -11.72 -35.05 4.07
CA SER B 200 -11.38 -35.60 5.37
C SER B 200 -12.30 -35.08 6.46
N CYS B 201 -12.90 -33.90 6.27
CA CYS B 201 -13.88 -33.35 7.21
C CYS B 201 -15.32 -33.62 6.79
N TRP B 202 -15.52 -34.55 5.86
CA TRP B 202 -16.85 -35.02 5.51
C TRP B 202 -17.10 -36.44 5.97
N LEU B 203 -16.05 -37.28 6.01
CA LEU B 203 -16.13 -38.60 6.61
C LEU B 203 -15.98 -38.58 8.12
N LEU B 204 -15.58 -37.47 8.69
CA LEU B 204 -15.26 -37.42 10.11
C LEU B 204 -16.06 -36.38 10.89
N LEU B 205 -16.33 -35.22 10.29
CA LEU B 205 -16.98 -34.14 11.02
C LEU B 205 -18.34 -33.77 10.47
N GLY B 206 -18.48 -33.59 9.17
CA GLY B 206 -19.75 -33.25 8.59
C GLY B 206 -19.90 -31.76 8.31
N SER B 207 -21.15 -31.35 8.14
CA SER B 207 -21.46 -29.97 7.81
C SER B 207 -21.39 -29.08 9.04
N PHE B 208 -21.00 -27.82 8.82
CA PHE B 208 -20.92 -26.76 9.82
C PHE B 208 -20.00 -27.14 10.99
N SER B 209 -18.75 -27.42 10.65
CA SER B 209 -17.74 -27.72 11.63
C SER B 209 -16.79 -26.53 11.79
N ILE B 210 -16.31 -26.34 13.02
CA ILE B 210 -15.48 -25.17 13.30
C ILE B 210 -14.06 -25.37 12.81
N ILE B 211 -13.56 -26.61 12.86
CA ILE B 211 -12.17 -26.90 12.46
C ILE B 211 -11.99 -26.64 10.97
N TYR B 212 -12.93 -27.12 10.15
CA TYR B 212 -12.85 -26.88 8.71
C TYR B 212 -13.03 -25.41 8.38
N THR B 213 -13.80 -24.67 9.18
CA THR B 213 -14.00 -23.25 8.89
C THR B 213 -12.75 -22.44 9.19
N VAL B 214 -12.09 -22.72 10.32
CA VAL B 214 -10.84 -22.04 10.65
C VAL B 214 -9.75 -22.39 9.64
N VAL B 215 -9.64 -23.66 9.27
CA VAL B 215 -8.60 -24.06 8.32
C VAL B 215 -8.91 -23.54 6.92
N ASN B 216 -10.18 -23.42 6.56
CA ASN B 216 -10.54 -22.89 5.25
C ASN B 216 -10.29 -21.39 5.16
N CYS B 217 -10.58 -20.65 6.23
CA CYS B 217 -10.25 -19.22 6.23
C CYS B 217 -8.75 -18.99 6.26
N LEU B 218 -8.01 -19.86 6.96
CA LEU B 218 -6.55 -19.82 6.93
C LEU B 218 -6.00 -20.07 5.53
N TRP B 219 -6.59 -21.04 4.82
CA TRP B 219 -6.16 -21.33 3.45
C TRP B 219 -6.48 -20.17 2.51
N CYS B 220 -7.63 -19.53 2.71
CA CYS B 220 -7.99 -18.38 1.89
C CYS B 220 -7.07 -17.19 2.15
N ILE B 221 -6.56 -17.04 3.37
CA ILE B 221 -5.55 -16.02 3.64
C ILE B 221 -4.23 -16.39 2.96
N VAL B 222 -3.79 -17.64 3.14
CA VAL B 222 -2.45 -18.06 2.75
C VAL B 222 -2.31 -18.08 1.23
N PHE B 223 -3.37 -18.45 0.50
CA PHE B 223 -3.28 -18.51 -0.96
C PHE B 223 -3.14 -17.12 -1.57
N ILE B 224 -3.90 -16.14 -1.06
CA ILE B 224 -3.80 -14.78 -1.59
C ILE B 224 -2.48 -14.15 -1.21
N GLU B 225 -2.04 -14.33 0.05
CA GLU B 225 -0.77 -13.75 0.46
C GLU B 225 0.43 -14.47 -0.13
N TYR B 226 0.24 -15.67 -0.66
CA TYR B 226 1.30 -16.38 -1.37
C TYR B 226 1.34 -15.99 -2.84
N TRP B 227 0.18 -15.78 -3.47
CA TRP B 227 0.21 -15.34 -4.85
C TRP B 227 0.64 -13.88 -4.98
N LYS B 228 0.40 -13.07 -3.94
CA LYS B 228 0.95 -11.71 -3.94
C LYS B 228 2.47 -11.72 -3.89
N ARG B 229 3.07 -12.75 -3.30
CA ARG B 229 4.52 -12.89 -3.29
C ARG B 229 5.02 -13.50 -4.59
N GLN B 230 4.27 -14.43 -5.16
CA GLN B 230 4.66 -15.07 -6.41
C GLN B 230 4.55 -14.11 -7.59
N GLU B 231 3.67 -13.11 -7.50
CA GLU B 231 3.60 -12.08 -8.54
C GLU B 231 4.84 -11.21 -8.56
N GLU B 232 5.33 -10.80 -7.38
CA GLU B 232 6.56 -10.03 -7.31
C GLU B 232 7.77 -10.89 -7.65
N ASP B 233 7.66 -12.20 -7.42
CA ASP B 233 8.69 -13.13 -7.88
C ASP B 233 8.73 -13.18 -9.41
N LEU B 234 7.57 -13.36 -10.04
CA LEU B 234 7.51 -13.59 -11.48
C LEU B 234 7.69 -12.33 -12.29
N SER B 235 7.31 -11.17 -11.75
CA SER B 235 7.54 -9.91 -12.46
C SER B 235 8.99 -9.47 -12.42
N CYS B 236 9.74 -9.89 -11.40
CA CYS B 236 11.19 -9.68 -11.38
C CYS B 236 11.94 -10.72 -12.20
N ARG B 237 11.34 -11.89 -12.41
CA ARG B 237 11.93 -12.92 -13.26
C ARG B 237 11.77 -12.63 -14.74
N TRP B 238 10.62 -12.11 -15.16
CA TRP B 238 10.35 -11.81 -16.56
C TRP B 238 10.69 -10.37 -16.92
N GLN B 239 11.42 -9.67 -16.05
CA GLN B 239 11.98 -8.32 -16.29
C GLN B 239 10.88 -7.30 -16.55
N THR B 240 9.75 -7.48 -15.87
CA THR B 240 8.60 -6.60 -16.03
C THR B 240 8.07 -6.13 -14.67
N LYS B 241 8.97 -5.72 -13.78
CA LYS B 241 8.66 -5.55 -12.37
C LYS B 241 7.69 -4.39 -12.11
N GLY B 242 7.76 -3.34 -12.91
CA GLY B 242 6.79 -2.27 -12.76
C GLY B 242 6.24 -1.79 -14.08
N VAL B 243 4.93 -1.94 -14.28
CA VAL B 243 4.29 -1.43 -15.48
C VAL B 243 3.20 -0.45 -15.08
N SER B 244 3.55 0.84 -15.07
CA SER B 244 2.60 1.92 -14.87
C SER B 244 2.46 2.77 -16.13
N ALA B 245 3.02 2.28 -17.23
CA ALA B 245 2.91 2.95 -18.52
C ALA B 245 1.51 2.74 -19.09
N VAL B 246 0.60 3.62 -18.67
CA VAL B 246 -0.79 3.52 -19.09
C VAL B 246 -0.92 3.93 -20.55
N HIS B 247 -1.87 3.31 -21.24
CA HIS B 247 -2.11 3.57 -22.65
C HIS B 247 -3.43 4.31 -22.85
N GLU B 248 -3.61 4.85 -24.04
CA GLU B 248 -4.84 5.55 -24.37
C GLU B 248 -5.90 4.55 -24.83
N LYS B 249 -7.06 5.08 -25.21
CA LYS B 249 -8.19 4.25 -25.59
C LYS B 249 -9.05 4.94 -26.64
N ARG B 250 -10.28 4.46 -26.81
CA ARG B 250 -11.27 5.09 -27.69
C ARG B 250 -12.12 6.09 -26.91
N ALA B 251 -11.45 7.02 -26.22
CA ALA B 251 -12.17 8.00 -25.41
C ALA B 251 -12.71 9.12 -26.30
N GLU B 252 -13.94 9.55 -26.01
CA GLU B 252 -14.57 10.65 -26.72
C GLU B 252 -14.50 11.89 -25.84
N PHE B 253 -13.43 12.66 -26.02
CA PHE B 253 -13.21 13.86 -25.23
C PHE B 253 -14.15 14.98 -25.65
N LYS B 254 -14.78 15.62 -24.66
CA LYS B 254 -15.66 16.75 -24.96
C LYS B 254 -14.88 17.97 -25.38
N PRO B 255 -14.07 18.59 -24.51
CA PRO B 255 -13.26 19.74 -24.95
C PRO B 255 -11.92 19.31 -25.51
N GLU B 256 -11.08 20.27 -25.91
CA GLU B 256 -9.73 19.98 -26.36
C GLU B 256 -8.76 21.00 -25.78
N LYS B 257 -8.94 21.33 -24.50
CA LYS B 257 -8.14 22.36 -23.87
C LYS B 257 -6.73 21.84 -23.56
N GLU B 258 -5.74 22.68 -23.78
CA GLU B 258 -4.34 22.33 -23.53
C GLU B 258 -4.04 22.36 -22.04
N ARG B 268 -4.23 18.20 -25.80
CA ARG B 268 -4.72 17.02 -25.10
C ARG B 268 -6.22 17.08 -24.91
N GLY B 269 -6.90 15.98 -25.22
CA GLY B 269 -8.34 15.89 -25.00
C GLY B 269 -8.64 15.65 -23.54
N VAL B 270 -9.61 16.38 -23.01
CA VAL B 270 -9.93 16.36 -21.59
C VAL B 270 -11.38 15.95 -21.41
N PHE B 271 -11.69 15.39 -20.25
CA PHE B 271 -13.03 15.02 -19.84
C PHE B 271 -13.17 15.23 -18.35
N PRO B 272 -14.17 15.97 -17.89
CA PRO B 272 -14.27 16.28 -16.45
C PRO B 272 -14.74 15.09 -15.64
N ALA B 273 -14.09 14.88 -14.49
CA ALA B 273 -14.43 13.76 -13.63
C ALA B 273 -15.78 13.95 -12.95
N THR B 274 -16.22 15.20 -12.80
CA THR B 274 -17.55 15.47 -12.27
C THR B 274 -18.65 15.06 -13.23
N LYS B 275 -18.37 15.06 -14.54
CA LYS B 275 -19.32 14.52 -15.50
C LYS B 275 -19.22 13.01 -15.60
N ARG B 276 -18.11 12.42 -15.14
CA ARG B 276 -17.96 10.97 -15.14
C ARG B 276 -18.62 10.34 -13.92
N MET B 277 -18.61 11.02 -12.77
CA MET B 277 -19.21 10.48 -11.57
C MET B 277 -20.73 10.39 -11.68
N TYR B 278 -21.35 11.30 -12.44
CA TYR B 278 -22.80 11.25 -12.63
C TYR B 278 -23.21 10.05 -13.48
N ARG B 279 -22.32 9.55 -14.33
CA ARG B 279 -22.58 8.30 -15.05
C ARG B 279 -22.14 7.09 -14.23
N GLN B 280 -21.14 7.25 -13.36
CA GLN B 280 -20.71 6.16 -12.50
C GLN B 280 -21.74 5.84 -11.43
N LEU B 281 -22.58 6.82 -11.07
CA LEU B 281 -23.66 6.57 -10.12
C LEU B 281 -24.78 5.72 -10.69
N LEU B 282 -24.79 5.44 -12.00
CA LEU B 282 -25.80 4.56 -12.58
C LEU B 282 -25.54 3.09 -12.28
N GLN B 283 -24.41 2.74 -11.66
CA GLN B 283 -24.17 1.35 -11.29
C GLN B 283 -25.02 0.93 -10.10
N VAL B 284 -25.41 1.88 -9.27
CA VAL B 284 -26.23 1.61 -8.09
C VAL B 284 -27.66 1.19 -8.46
N PRO B 285 -28.42 1.90 -9.33
CA PRO B 285 -29.76 1.37 -9.67
C PRO B 285 -29.71 0.09 -10.50
N PHE B 286 -28.65 -0.08 -11.30
CA PHE B 286 -28.49 -1.31 -12.07
C PHE B 286 -28.28 -2.51 -11.15
N ALA B 287 -27.40 -2.37 -10.17
CA ALA B 287 -27.12 -3.45 -9.23
C ALA B 287 -28.32 -3.72 -8.33
N LEU B 288 -29.01 -2.66 -7.91
CA LEU B 288 -30.19 -2.83 -7.06
C LEU B 288 -31.33 -3.50 -7.81
N LEU B 289 -31.56 -3.10 -9.07
CA LEU B 289 -32.60 -3.72 -9.87
C LEU B 289 -32.27 -5.16 -10.23
N ALA B 290 -30.98 -5.46 -10.44
CA ALA B 290 -30.58 -6.85 -10.70
C ALA B 290 -30.77 -7.71 -9.46
N ALA B 291 -30.48 -7.14 -8.28
CA ALA B 291 -30.65 -7.88 -7.03
C ALA B 291 -32.13 -8.17 -6.76
N VAL B 292 -33.00 -7.18 -7.01
CA VAL B 292 -34.44 -7.39 -6.84
C VAL B 292 -34.97 -8.37 -7.87
N ALA B 293 -34.51 -8.26 -9.12
CA ALA B 293 -34.98 -9.13 -10.19
C ALA B 293 -34.48 -10.57 -10.03
N LEU B 294 -33.39 -10.78 -9.29
CA LEU B 294 -32.98 -12.15 -9.01
C LEU B 294 -33.60 -12.69 -7.72
N GLY B 295 -33.81 -11.83 -6.71
CA GLY B 295 -34.53 -12.26 -5.52
C GLY B 295 -35.97 -12.63 -5.81
N ALA B 296 -36.58 -11.99 -6.82
CA ALA B 296 -37.91 -12.39 -7.25
C ALA B 296 -37.92 -13.80 -7.83
N ILE B 297 -36.89 -14.14 -8.62
CA ILE B 297 -36.81 -15.48 -9.20
C ILE B 297 -36.54 -16.52 -8.11
N ILE B 298 -35.73 -16.16 -7.11
CA ILE B 298 -35.43 -17.07 -6.01
C ILE B 298 -36.67 -17.30 -5.14
N ALA B 299 -37.46 -16.24 -4.89
CA ALA B 299 -38.70 -16.39 -4.14
C ALA B 299 -39.73 -17.18 -4.94
N THR B 300 -39.75 -17.01 -6.26
CA THR B 300 -40.65 -17.79 -7.10
C THR B 300 -40.26 -19.27 -7.08
N CYS B 301 -38.96 -19.57 -7.09
CA CYS B 301 -38.51 -20.95 -7.00
C CYS B 301 -38.83 -21.56 -5.65
N PHE B 302 -38.75 -20.75 -4.58
CA PHE B 302 -39.19 -21.21 -3.25
C PHE B 302 -40.68 -21.52 -3.23
N ALA B 303 -41.48 -20.67 -3.89
CA ALA B 303 -42.93 -20.87 -3.92
C ALA B 303 -43.30 -22.12 -4.69
N ILE B 304 -42.67 -22.34 -5.85
CA ILE B 304 -42.97 -23.54 -6.63
C ILE B 304 -42.45 -24.80 -5.93
N GLU B 305 -41.34 -24.68 -5.19
CA GLU B 305 -40.84 -25.83 -4.42
C GLU B 305 -41.79 -26.18 -3.28
N ILE B 306 -42.35 -25.17 -2.61
CA ILE B 306 -43.31 -25.43 -1.54
C ILE B 306 -44.62 -25.97 -2.11
N PHE B 307 -44.99 -25.53 -3.32
CA PHE B 307 -46.21 -26.02 -3.94
C PHE B 307 -46.06 -27.47 -4.38
N ILE B 308 -44.88 -27.84 -4.89
CA ILE B 308 -44.64 -29.22 -5.27
C ILE B 308 -44.51 -30.10 -4.03
N SER B 309 -43.94 -29.57 -2.95
CA SER B 309 -43.85 -30.32 -1.70
C SER B 309 -45.22 -30.52 -1.07
N GLU B 310 -46.14 -29.58 -1.29
CA GLU B 310 -47.52 -29.77 -0.83
C GLU B 310 -48.28 -30.68 -1.79
N VAL B 311 -48.40 -30.27 -3.05
CA VAL B 311 -49.13 -31.05 -4.06
C VAL B 311 -48.14 -31.92 -4.81
N TYR B 312 -48.14 -33.23 -4.51
CA TYR B 312 -47.18 -34.14 -5.10
C TYR B 312 -47.48 -34.46 -6.56
N LYS B 317 -41.36 -37.80 -5.81
CA LYS B 317 -41.25 -36.52 -5.13
C LYS B 317 -40.03 -36.47 -4.23
N GLY B 318 -39.13 -37.44 -4.40
CA GLY B 318 -37.91 -37.49 -3.63
C GLY B 318 -36.93 -36.41 -4.03
N TYR B 319 -36.40 -36.50 -5.25
CA TYR B 319 -35.47 -35.52 -5.79
C TYR B 319 -36.12 -34.57 -6.76
N LEU B 320 -37.39 -34.79 -7.11
CA LEU B 320 -38.11 -33.95 -8.05
C LEU B 320 -38.72 -32.72 -7.40
N VAL B 321 -38.63 -32.59 -6.07
CA VAL B 321 -39.21 -31.44 -5.38
C VAL B 321 -38.34 -30.20 -5.48
N PHE B 322 -37.12 -30.31 -5.99
CA PHE B 322 -36.19 -29.20 -6.12
C PHE B 322 -35.86 -28.94 -7.59
N ILE B 323 -36.82 -29.16 -8.47
CA ILE B 323 -36.66 -28.93 -9.90
C ILE B 323 -36.47 -27.47 -10.29
N PRO B 324 -37.24 -26.46 -9.78
CA PRO B 324 -36.95 -25.08 -10.22
C PRO B 324 -35.64 -24.52 -9.67
N THR B 325 -35.17 -25.02 -8.52
CA THR B 325 -33.85 -24.63 -8.03
C THR B 325 -32.76 -25.13 -8.96
N ILE B 326 -32.91 -26.36 -9.48
CA ILE B 326 -31.96 -26.91 -10.45
C ILE B 326 -32.03 -26.13 -11.76
N LEU B 327 -33.23 -25.74 -12.19
CA LEU B 327 -33.36 -24.95 -13.41
C LEU B 327 -32.74 -23.57 -13.28
N VAL B 328 -32.94 -22.89 -12.14
CA VAL B 328 -32.37 -21.55 -12.02
C VAL B 328 -30.86 -21.64 -11.79
N SER B 329 -30.38 -22.72 -11.16
CA SER B 329 -28.94 -22.88 -10.99
C SER B 329 -28.26 -23.24 -12.30
N ALA B 330 -28.99 -23.86 -13.23
CA ALA B 330 -28.47 -24.07 -14.57
C ALA B 330 -28.60 -22.82 -15.45
N LEU B 331 -29.55 -21.95 -15.14
CA LEU B 331 -29.72 -20.70 -15.89
C LEU B 331 -28.91 -19.54 -15.32
N ILE B 332 -28.18 -19.77 -14.23
CA ILE B 332 -27.23 -18.76 -13.72
C ILE B 332 -26.18 -18.31 -14.76
N PRO B 333 -25.45 -19.20 -15.46
CA PRO B 333 -24.39 -18.70 -16.36
C PRO B 333 -24.90 -18.02 -17.63
N THR B 334 -26.18 -18.14 -17.97
CA THR B 334 -26.73 -17.40 -19.09
C THR B 334 -27.48 -16.15 -18.67
N MET B 335 -27.73 -15.98 -17.37
CA MET B 335 -28.25 -14.73 -16.84
C MET B 335 -27.12 -13.76 -16.50
N SER B 336 -26.01 -14.30 -15.98
CA SER B 336 -24.85 -13.48 -15.71
C SER B 336 -24.23 -12.94 -16.99
N ALA B 337 -24.41 -13.63 -18.12
CA ALA B 337 -23.91 -13.11 -19.39
C ALA B 337 -24.74 -11.93 -19.88
N VAL B 338 -26.06 -11.97 -19.67
CA VAL B 338 -26.92 -10.84 -20.03
C VAL B 338 -26.59 -9.63 -19.17
N LEU B 339 -26.44 -9.85 -17.86
CA LEU B 339 -26.01 -8.77 -16.98
C LEU B 339 -24.58 -8.30 -17.29
N LEU B 340 -23.76 -9.19 -17.85
CA LEU B 340 -22.42 -8.81 -18.30
C LEU B 340 -22.47 -7.88 -19.50
N THR B 341 -23.37 -8.14 -20.45
CA THR B 341 -23.50 -7.22 -21.58
C THR B 341 -24.07 -5.87 -21.15
N VAL B 342 -25.00 -5.87 -20.20
CA VAL B 342 -25.49 -4.58 -19.67
C VAL B 342 -24.38 -3.83 -18.93
N ALA B 343 -23.55 -4.56 -18.18
CA ALA B 343 -22.43 -3.94 -17.49
C ALA B 343 -21.36 -3.45 -18.44
N THR B 344 -21.16 -4.14 -19.57
CA THR B 344 -20.20 -3.68 -20.57
C THR B 344 -20.69 -2.41 -21.27
N LYS B 345 -22.00 -2.34 -21.57
CA LYS B 345 -22.56 -1.10 -22.13
C LYS B 345 -22.48 0.05 -21.14
N LEU B 346 -22.72 -0.23 -19.85
CA LEU B 346 -22.61 0.80 -18.83
C LEU B 346 -21.17 1.26 -18.63
N ASN B 347 -20.20 0.34 -18.77
CA ASN B 347 -18.80 0.72 -18.63
C ASN B 347 -18.30 1.48 -19.84
N ASP B 348 -18.81 1.16 -21.04
CA ASP B 348 -18.45 1.94 -22.22
C ASP B 348 -19.11 3.30 -22.20
N TYR B 349 -20.24 3.43 -21.50
CA TYR B 349 -20.88 4.74 -21.37
C TYR B 349 -20.09 5.67 -20.44
N GLU B 350 -19.31 5.10 -19.52
CA GLU B 350 -18.65 5.92 -18.51
C GLU B 350 -17.42 6.66 -19.01
N ASN B 351 -16.96 6.35 -20.23
CA ASN B 351 -15.97 7.13 -20.99
C ASN B 351 -14.63 7.25 -20.25
N TYR B 352 -13.97 6.10 -20.12
CA TYR B 352 -12.67 6.06 -19.47
C TYR B 352 -11.56 6.40 -20.46
N GLU B 353 -10.50 7.02 -19.94
CA GLU B 353 -9.39 7.47 -20.76
C GLU B 353 -8.29 6.43 -20.92
N THR B 354 -7.88 5.81 -19.81
CA THR B 354 -6.80 4.83 -19.83
C THR B 354 -7.34 3.41 -19.82
N GLN B 355 -6.54 2.48 -20.35
CA GLN B 355 -6.93 1.08 -20.35
C GLN B 355 -6.86 0.49 -18.96
N ASP B 356 -5.93 0.95 -18.13
CA ASP B 356 -5.77 0.47 -16.76
C ASP B 356 -6.81 1.04 -15.81
N ALA B 357 -7.74 1.86 -16.28
CA ALA B 357 -8.92 2.26 -15.54
C ALA B 357 -10.19 1.59 -16.05
N TYR B 358 -10.28 1.42 -17.38
CA TYR B 358 -11.39 0.68 -17.97
C TYR B 358 -11.37 -0.78 -17.51
N LYS B 359 -10.18 -1.37 -17.41
CA LYS B 359 -10.06 -2.75 -16.94
C LYS B 359 -10.48 -2.88 -15.48
N VAL B 360 -10.11 -1.91 -14.64
CA VAL B 360 -10.45 -1.95 -13.23
C VAL B 360 -11.95 -1.76 -13.02
N ALA B 361 -12.55 -0.82 -13.77
CA ALA B 361 -13.98 -0.60 -13.63
C ALA B 361 -14.80 -1.77 -14.19
N LEU B 362 -14.32 -2.38 -15.28
CA LEU B 362 -15.00 -3.57 -15.80
C LEU B 362 -14.89 -4.73 -14.84
N THR B 363 -13.75 -4.89 -14.17
CA THR B 363 -13.59 -5.96 -13.19
C THR B 363 -14.49 -5.72 -11.97
N GLN B 364 -14.65 -4.46 -11.56
CA GLN B 364 -15.55 -4.14 -10.46
C GLN B 364 -17.00 -4.43 -10.82
N LYS B 365 -17.41 -4.09 -12.04
CA LYS B 365 -18.77 -4.37 -12.48
C LYS B 365 -19.03 -5.87 -12.62
N ILE B 366 -18.04 -6.61 -13.13
CA ILE B 366 -18.17 -8.06 -13.25
C ILE B 366 -18.23 -8.70 -11.87
N PHE B 367 -17.48 -8.15 -10.90
CA PHE B 367 -17.51 -8.69 -9.55
C PHE B 367 -18.86 -8.43 -8.87
N VAL B 368 -19.44 -7.24 -9.08
CA VAL B 368 -20.76 -6.96 -8.52
C VAL B 368 -21.82 -7.86 -9.15
N VAL B 369 -21.72 -8.07 -10.47
CA VAL B 369 -22.69 -8.90 -11.18
C VAL B 369 -22.57 -10.36 -10.73
N ASN B 370 -21.35 -10.86 -10.58
CA ASN B 370 -21.15 -12.24 -10.13
C ASN B 370 -21.49 -12.43 -8.66
N PHE B 371 -21.30 -11.40 -7.83
CA PHE B 371 -21.69 -11.49 -6.43
C PHE B 371 -23.20 -11.53 -6.30
N ILE B 372 -23.91 -10.74 -7.11
CA ILE B 372 -25.37 -10.77 -7.10
C ILE B 372 -25.87 -12.11 -7.65
N THR B 373 -25.23 -12.60 -8.71
CA THR B 373 -25.74 -13.75 -9.46
C THR B 373 -25.46 -15.07 -8.74
N SER B 374 -24.25 -15.24 -8.21
CA SER B 374 -23.82 -16.56 -7.74
C SER B 374 -24.00 -16.78 -6.25
N TYR B 375 -23.94 -15.73 -5.42
CA TYR B 375 -23.95 -15.92 -3.98
C TYR B 375 -25.24 -15.50 -3.31
N LEU B 376 -25.90 -14.47 -3.81
CA LEU B 376 -27.16 -13.98 -3.24
C LEU B 376 -28.32 -14.98 -3.30
N PRO B 377 -28.39 -15.91 -4.28
CA PRO B 377 -29.29 -17.06 -4.09
C PRO B 377 -28.99 -17.93 -2.88
N ILE B 378 -27.76 -17.93 -2.36
CA ILE B 378 -27.44 -18.74 -1.18
C ILE B 378 -27.55 -17.85 0.06
N ILE B 379 -27.33 -16.56 -0.11
CA ILE B 379 -27.49 -15.63 1.01
C ILE B 379 -28.97 -15.47 1.37
N LEU B 380 -29.84 -15.47 0.36
CA LEU B 380 -31.27 -15.34 0.62
C LEU B 380 -31.88 -16.60 1.22
N THR B 381 -31.22 -17.75 1.13
CA THR B 381 -31.70 -18.95 1.80
C THR B 381 -30.87 -19.32 3.02
N ALA B 382 -29.81 -18.58 3.32
CA ALA B 382 -29.04 -18.85 4.52
C ALA B 382 -29.43 -17.94 5.68
N PHE B 383 -29.69 -16.67 5.39
CA PHE B 383 -29.95 -15.69 6.44
C PHE B 383 -31.34 -15.09 6.37
N VAL B 384 -32.19 -15.52 5.43
CA VAL B 384 -33.53 -14.98 5.31
C VAL B 384 -34.56 -16.10 5.37
N TYR B 385 -34.39 -17.11 4.52
CA TYR B 385 -35.45 -18.11 4.34
C TYR B 385 -35.45 -19.14 5.46
N VAL B 386 -34.32 -19.78 5.72
CA VAL B 386 -34.24 -20.86 6.70
C VAL B 386 -34.43 -20.40 8.15
N PRO B 387 -33.80 -19.33 8.66
CA PRO B 387 -34.13 -18.95 10.05
C PRO B 387 -35.52 -18.38 10.24
N PHE B 388 -35.99 -17.54 9.33
CA PHE B 388 -37.34 -16.97 9.43
C PHE B 388 -38.32 -17.77 8.58
N ALA B 389 -38.35 -19.09 8.81
CA ALA B 389 -39.17 -19.96 7.98
C ALA B 389 -40.66 -19.81 8.30
N SER B 390 -41.00 -19.73 9.58
CA SER B 390 -42.39 -19.66 10.02
C SER B 390 -43.06 -18.34 9.68
N ARG B 391 -42.30 -17.32 9.28
CA ARG B 391 -42.88 -16.03 8.93
C ARG B 391 -42.92 -15.77 7.42
N ILE B 392 -42.24 -16.57 6.61
CA ILE B 392 -42.28 -16.40 5.16
C ILE B 392 -42.97 -17.57 4.45
N VAL B 393 -42.94 -18.78 5.02
CA VAL B 393 -43.66 -19.91 4.42
C VAL B 393 -45.18 -19.72 4.36
N PRO B 394 -45.86 -19.15 5.39
CA PRO B 394 -47.25 -18.75 5.16
C PRO B 394 -47.42 -17.59 4.19
N TYR B 395 -46.39 -16.78 3.96
CA TYR B 395 -46.49 -15.69 3.00
C TYR B 395 -46.23 -16.12 1.57
N LEU B 396 -45.80 -17.37 1.36
CA LEU B 396 -45.53 -17.88 0.02
C LEU B 396 -46.55 -18.92 -0.44
N ASP B 397 -47.11 -19.70 0.49
CA ASP B 397 -48.10 -20.69 0.12
C ASP B 397 -49.44 -20.04 -0.16
N VAL B 398 -50.06 -20.41 -1.28
CA VAL B 398 -51.35 -19.85 -1.66
C VAL B 398 -52.30 -20.95 -2.12
N ILE B 421 -38.33 -26.48 6.27
CA ILE B 421 -37.17 -25.64 5.94
C ILE B 421 -36.09 -25.80 7.01
N ASN B 422 -35.50 -26.99 7.07
CA ASN B 422 -34.39 -27.31 7.95
C ASN B 422 -33.08 -26.88 7.28
N PRO B 423 -31.93 -26.89 7.99
CA PRO B 423 -30.67 -26.51 7.31
C PRO B 423 -30.23 -27.42 6.17
N ASP B 424 -30.85 -28.61 6.01
CA ASP B 424 -30.57 -29.44 4.84
C ASP B 424 -31.07 -28.79 3.56
N ARG B 425 -32.02 -27.86 3.65
CA ARG B 425 -32.38 -27.04 2.49
C ARG B 425 -31.22 -26.15 2.06
N LEU B 426 -30.52 -25.54 3.02
CA LEU B 426 -29.35 -24.74 2.69
C LEU B 426 -28.22 -25.60 2.16
N ARG B 427 -28.06 -26.81 2.72
CA ARG B 427 -27.06 -27.74 2.21
C ARG B 427 -27.36 -28.17 0.78
N LYS B 428 -28.63 -28.42 0.47
CA LYS B 428 -29.02 -28.76 -0.90
C LYS B 428 -28.87 -27.57 -1.83
N GLN B 429 -29.05 -26.34 -1.33
CA GLN B 429 -28.82 -25.17 -2.17
C GLN B 429 -27.36 -25.00 -2.53
N VAL B 430 -26.46 -25.19 -1.56
CA VAL B 430 -25.02 -25.12 -1.82
C VAL B 430 -24.58 -26.26 -2.73
N ILE B 431 -25.26 -27.42 -2.63
CA ILE B 431 -25.01 -28.51 -3.56
C ILE B 431 -25.42 -28.12 -4.97
N TYR B 432 -26.65 -27.61 -5.12
CA TYR B 432 -27.20 -27.36 -6.45
C TYR B 432 -26.60 -26.15 -7.15
N PHE B 433 -26.04 -25.19 -6.42
CA PHE B 433 -25.52 -23.99 -7.05
C PHE B 433 -24.02 -24.04 -7.33
N THR B 434 -23.33 -25.11 -6.93
CA THR B 434 -21.90 -25.25 -7.24
C THR B 434 -21.60 -26.51 -8.03
N VAL B 435 -22.62 -27.31 -8.39
CA VAL B 435 -22.37 -28.58 -9.05
C VAL B 435 -23.10 -28.66 -10.39
N THR B 436 -24.39 -28.31 -10.39
CA THR B 436 -25.25 -28.62 -11.53
C THR B 436 -24.91 -27.81 -12.77
N ALA B 437 -24.33 -26.62 -12.58
CA ALA B 437 -23.84 -25.87 -13.73
C ALA B 437 -22.65 -26.56 -14.37
N GLN B 438 -21.80 -27.17 -13.54
CA GLN B 438 -20.66 -27.92 -14.06
C GLN B 438 -21.09 -29.27 -14.62
N ILE B 439 -22.22 -29.80 -14.13
CA ILE B 439 -22.74 -31.05 -14.67
C ILE B 439 -23.34 -30.82 -16.06
N VAL B 440 -24.16 -29.78 -16.18
CA VAL B 440 -24.73 -29.39 -17.48
C VAL B 440 -23.65 -28.95 -18.47
N GLY B 441 -22.65 -28.20 -18.03
CA GLY B 441 -21.55 -27.79 -18.88
C GLY B 441 -20.71 -28.94 -19.40
N PHE B 442 -20.55 -30.00 -18.60
CA PHE B 442 -19.86 -31.21 -19.03
C PHE B 442 -20.81 -32.23 -19.64
N ALA B 443 -22.06 -31.83 -19.90
CA ALA B 443 -23.00 -32.70 -20.61
C ALA B 443 -23.26 -32.24 -22.04
N LEU B 444 -22.96 -31.00 -22.37
CA LEU B 444 -23.08 -30.54 -23.75
C LEU B 444 -21.96 -31.06 -24.63
N GLU B 445 -20.86 -31.54 -24.04
CA GLU B 445 -19.80 -32.17 -24.81
C GLU B 445 -20.22 -33.54 -25.32
N THR B 446 -21.08 -34.24 -24.60
CA THR B 446 -21.55 -35.55 -25.02
C THR B 446 -22.65 -35.42 -26.07
N ASP B 489 2.00 -21.67 -55.59
CA ASP B 489 3.24 -21.98 -54.89
C ASP B 489 3.10 -21.68 -53.40
N GLU B 490 2.48 -20.54 -53.09
CA GLU B 490 2.28 -20.12 -51.71
C GLU B 490 0.80 -19.95 -51.36
N ALA B 491 -0.08 -20.68 -52.04
CA ALA B 491 -1.51 -20.60 -51.75
C ALA B 491 -1.93 -21.43 -50.55
N ARG B 492 -1.02 -22.23 -49.98
CA ARG B 492 -1.30 -22.94 -48.75
C ARG B 492 -1.13 -22.06 -47.52
N PHE B 493 -0.04 -21.29 -47.47
CA PHE B 493 0.17 -20.32 -46.40
C PHE B 493 -0.89 -19.24 -46.39
N LEU B 494 -1.35 -18.81 -47.56
CA LEU B 494 -2.36 -17.77 -47.64
C LEU B 494 -3.72 -18.25 -47.15
N THR B 495 -4.10 -19.49 -47.49
CA THR B 495 -5.35 -20.00 -46.95
C THR B 495 -5.23 -20.41 -45.49
N ARG B 496 -4.01 -20.71 -45.02
CA ARG B 496 -3.81 -20.91 -43.58
C ARG B 496 -4.00 -19.61 -42.82
N VAL B 497 -3.49 -18.50 -43.38
CA VAL B 497 -3.69 -17.19 -42.77
C VAL B 497 -5.16 -16.78 -42.83
N ARG B 498 -5.84 -17.11 -43.94
CA ARG B 498 -7.27 -16.82 -44.06
C ARG B 498 -8.10 -17.65 -43.09
N ASN B 499 -7.65 -18.86 -42.76
CA ASN B 499 -8.31 -19.63 -41.71
C ASN B 499 -7.99 -19.09 -40.33
N GLU B 500 -6.81 -18.49 -40.16
CA GLU B 500 -6.43 -17.92 -38.88
C GLU B 500 -7.08 -16.57 -38.62
N ALA B 501 -7.56 -15.89 -39.67
CA ALA B 501 -8.22 -14.60 -39.49
C ALA B 501 -9.69 -14.73 -39.17
N GLU B 502 -10.27 -15.92 -39.31
CA GLU B 502 -11.68 -16.15 -39.00
C GLU B 502 -11.88 -16.65 -37.57
N LEU B 503 -10.81 -16.87 -36.83
CA LEU B 503 -10.92 -17.33 -35.46
C LEU B 503 -11.35 -16.20 -34.54
N GLU B 504 -11.65 -16.57 -33.30
CA GLU B 504 -12.07 -15.59 -32.29
C GLU B 504 -10.85 -14.89 -31.70
N ASP B 505 -11.10 -14.01 -30.74
CA ASP B 505 -10.04 -13.33 -30.01
C ASP B 505 -10.05 -13.79 -28.56
N TYR B 506 -8.87 -14.08 -28.02
CA TYR B 506 -8.77 -14.62 -26.68
C TYR B 506 -9.03 -13.53 -25.65
N ASP B 507 -9.63 -13.94 -24.54
CA ASP B 507 -9.89 -13.05 -23.41
C ASP B 507 -9.54 -13.78 -22.13
N VAL B 508 -8.58 -13.23 -21.38
CA VAL B 508 -8.22 -13.80 -20.09
C VAL B 508 -9.35 -13.59 -19.09
N THR B 509 -10.04 -12.45 -19.18
CA THR B 509 -11.05 -12.03 -18.21
C THR B 509 -12.36 -12.83 -18.29
N ASP B 510 -12.44 -13.88 -19.09
CA ASP B 510 -13.63 -14.73 -19.11
C ASP B 510 -13.45 -16.01 -18.32
N ALA B 511 -12.27 -16.62 -18.39
CA ALA B 511 -11.95 -17.80 -17.61
C ALA B 511 -11.36 -17.47 -16.25
N LEU B 512 -10.90 -16.24 -16.06
CA LEU B 512 -10.43 -15.75 -14.78
C LEU B 512 -11.57 -15.27 -13.90
N ARG B 513 -12.74 -15.02 -14.49
CA ARG B 513 -13.94 -14.71 -13.73
C ARG B 513 -14.47 -15.94 -13.00
N ALA B 514 -14.44 -17.11 -13.64
CA ALA B 514 -14.92 -18.33 -13.03
C ALA B 514 -14.05 -18.78 -11.86
N MET B 515 -12.73 -18.53 -11.94
CA MET B 515 -11.83 -18.84 -10.84
C MET B 515 -11.92 -17.84 -9.70
N CYS B 516 -12.73 -16.78 -9.85
CA CYS B 516 -13.10 -15.90 -8.75
C CYS B 516 -14.43 -16.32 -8.13
N ILE B 517 -15.37 -16.81 -8.94
CA ILE B 517 -16.62 -17.35 -8.41
C ILE B 517 -16.35 -18.61 -7.60
N GLN B 518 -15.39 -19.42 -8.04
CA GLN B 518 -14.99 -20.60 -7.28
C GLN B 518 -14.37 -20.22 -5.95
N PHE B 519 -13.54 -19.18 -5.93
CA PHE B 519 -12.92 -18.74 -4.67
C PHE B 519 -13.95 -18.10 -3.75
N GLY B 520 -14.97 -17.46 -4.31
CA GLY B 520 -16.02 -16.92 -3.48
C GLY B 520 -16.90 -18.00 -2.87
N TYR B 521 -17.14 -19.08 -3.62
CA TYR B 521 -17.83 -20.22 -3.05
C TYR B 521 -16.98 -20.94 -2.00
N LEU B 522 -15.66 -20.93 -2.17
CA LEU B 522 -14.75 -21.50 -1.18
C LEU B 522 -14.63 -20.68 0.08
N ALA B 523 -14.71 -19.36 -0.02
CA ALA B 523 -14.54 -18.51 1.15
C ALA B 523 -15.83 -18.35 1.95
N LEU B 524 -16.97 -18.31 1.28
CA LEU B 524 -18.22 -17.92 1.92
C LEU B 524 -19.03 -19.11 2.41
N PHE B 525 -19.39 -20.03 1.51
CA PHE B 525 -20.36 -21.08 1.84
C PHE B 525 -19.76 -22.48 1.79
N SER B 526 -18.46 -22.60 1.84
CA SER B 526 -17.84 -23.93 1.84
C SER B 526 -17.99 -24.74 3.13
N PRO B 527 -18.08 -24.17 4.36
CA PRO B 527 -18.43 -25.01 5.52
C PRO B 527 -19.83 -25.60 5.49
N VAL B 528 -20.72 -25.16 4.60
CA VAL B 528 -22.04 -25.77 4.50
C VAL B 528 -21.93 -27.17 3.92
N TRP B 529 -21.04 -27.36 2.95
CA TRP B 529 -20.85 -28.65 2.31
C TRP B 529 -19.37 -28.76 1.98
N PRO B 530 -18.62 -29.62 2.68
CA PRO B 530 -17.17 -29.67 2.47
C PRO B 530 -16.73 -30.41 1.21
N LEU B 531 -17.63 -30.81 0.33
CA LEU B 531 -17.27 -31.38 -0.97
C LEU B 531 -17.32 -30.35 -2.08
N VAL B 532 -17.55 -29.08 -1.74
CA VAL B 532 -17.33 -27.99 -2.70
C VAL B 532 -15.89 -27.93 -3.23
N PRO B 533 -14.82 -28.05 -2.41
CA PRO B 533 -13.49 -28.07 -3.03
C PRO B 533 -13.21 -29.29 -3.89
N VAL B 534 -13.82 -30.45 -3.58
CA VAL B 534 -13.64 -31.62 -4.43
C VAL B 534 -14.33 -31.42 -5.77
N SER B 535 -15.55 -30.86 -5.75
CA SER B 535 -16.27 -30.57 -6.97
C SER B 535 -15.61 -29.48 -7.80
N PHE B 536 -14.85 -28.60 -7.15
CA PHE B 536 -14.10 -27.60 -7.91
C PHE B 536 -12.81 -28.18 -8.47
N LEU B 537 -12.15 -29.07 -7.72
CA LEU B 537 -10.88 -29.64 -8.18
C LEU B 537 -11.11 -30.60 -9.34
N ILE B 538 -12.21 -31.35 -9.31
CA ILE B 538 -12.51 -32.26 -10.43
C ILE B 538 -12.81 -31.48 -11.70
N ASN B 539 -13.57 -30.38 -11.57
CA ASN B 539 -13.89 -29.55 -12.73
C ASN B 539 -12.66 -28.83 -13.25
N ASN B 540 -11.76 -28.40 -12.35
CA ASN B 540 -10.53 -27.74 -12.79
C ASN B 540 -9.58 -28.72 -13.46
N TRP B 541 -9.52 -29.95 -12.96
CA TRP B 541 -8.68 -30.96 -13.59
C TRP B 541 -9.24 -31.41 -14.92
N VAL B 542 -10.56 -31.32 -15.10
CA VAL B 542 -11.15 -31.60 -16.40
C VAL B 542 -10.86 -30.47 -17.38
N GLU B 543 -11.07 -29.23 -16.95
CA GLU B 543 -10.92 -28.08 -17.82
C GLU B 543 -9.49 -27.54 -17.87
N LEU B 544 -8.53 -28.24 -17.27
CA LEU B 544 -7.14 -27.82 -17.37
C LEU B 544 -6.60 -27.98 -18.79
N ARG B 545 -7.03 -29.02 -19.50
CA ARG B 545 -6.62 -29.26 -20.87
C ARG B 545 -7.59 -28.63 -21.86
N SER B 546 -8.32 -27.61 -21.44
CA SER B 546 -9.24 -26.90 -22.31
C SER B 546 -8.85 -25.45 -22.56
N ASP B 547 -7.93 -24.90 -21.77
CA ASP B 547 -7.42 -23.56 -22.02
C ASP B 547 -6.24 -23.55 -22.98
N PHE B 548 -5.39 -24.57 -22.92
CA PHE B 548 -4.32 -24.73 -23.90
C PHE B 548 -4.88 -24.94 -25.29
N PHE B 549 -5.90 -25.80 -25.41
CA PHE B 549 -6.56 -26.05 -26.68
C PHE B 549 -7.21 -24.78 -27.23
N LYS B 550 -7.84 -24.00 -26.35
CA LYS B 550 -8.51 -22.78 -26.74
C LYS B 550 -7.51 -21.73 -27.23
N ILE B 551 -6.42 -21.54 -26.48
CA ILE B 551 -5.47 -20.51 -26.87
C ILE B 551 -4.57 -20.96 -28.02
N CYS B 552 -4.51 -22.27 -28.31
CA CYS B 552 -3.59 -22.70 -29.36
C CYS B 552 -4.28 -22.91 -30.70
N VAL B 553 -5.46 -23.53 -30.72
CA VAL B 553 -6.11 -23.85 -32.00
C VAL B 553 -7.47 -23.20 -32.17
N GLU B 554 -8.10 -22.71 -31.12
CA GLU B 554 -9.48 -22.22 -31.25
C GLU B 554 -9.57 -20.73 -31.54
N CYS B 555 -8.68 -19.92 -31.00
CA CYS B 555 -8.67 -18.49 -31.30
C CYS B 555 -7.27 -18.07 -31.70
N LYS B 556 -7.18 -16.89 -32.32
CA LYS B 556 -5.93 -16.44 -32.90
C LYS B 556 -4.94 -16.02 -31.82
N ARG B 557 -3.68 -15.92 -32.23
CA ARG B 557 -2.60 -15.65 -31.28
C ARG B 557 -2.67 -14.19 -30.82
N PRO B 558 -2.69 -13.93 -29.52
CA PRO B 558 -2.68 -12.54 -29.06
C PRO B 558 -1.31 -11.93 -29.21
N TRP B 559 -1.29 -10.61 -29.40
CA TRP B 559 -0.03 -9.90 -29.39
C TRP B 559 0.57 -9.95 -27.98
N PRO B 560 1.90 -10.05 -27.85
CA PRO B 560 2.48 -10.30 -26.52
C PRO B 560 2.36 -9.10 -25.60
N GLN B 561 1.42 -9.18 -24.67
CA GLN B 561 1.13 -8.09 -23.76
C GLN B 561 1.93 -8.27 -22.49
N ARG B 562 2.50 -7.18 -22.00
CA ARG B 562 3.26 -7.20 -20.76
C ARG B 562 2.33 -6.96 -19.57
N ALA B 563 2.70 -7.53 -18.43
CA ALA B 563 1.93 -7.39 -17.21
C ALA B 563 2.87 -7.57 -16.03
N ASP B 564 2.47 -7.03 -14.88
CA ASP B 564 3.13 -7.31 -13.62
C ASP B 564 2.22 -7.99 -12.61
N THR B 565 0.97 -8.22 -12.98
CA THR B 565 -0.03 -8.84 -12.10
C THR B 565 -1.11 -9.46 -12.96
N ILE B 566 -1.96 -10.28 -12.32
CA ILE B 566 -3.12 -10.82 -13.02
C ILE B 566 -4.23 -9.79 -13.20
N GLY B 567 -4.16 -8.67 -12.50
CA GLY B 567 -5.12 -7.61 -12.67
C GLY B 567 -5.73 -7.20 -11.36
N PRO B 568 -6.91 -6.59 -11.41
CA PRO B 568 -7.61 -6.21 -10.19
C PRO B 568 -8.51 -7.31 -9.64
N TRP B 569 -8.32 -8.54 -10.13
CA TRP B 569 -8.98 -9.70 -9.55
C TRP B 569 -8.39 -10.08 -8.21
N LEU B 570 -7.13 -9.73 -7.96
CA LEU B 570 -6.46 -10.08 -6.72
C LEU B 570 -6.99 -9.28 -5.55
N ASP B 571 -7.60 -8.12 -5.79
CA ASP B 571 -8.30 -7.41 -4.73
C ASP B 571 -9.70 -7.96 -4.51
N SER B 572 -10.31 -8.48 -5.57
CA SER B 572 -11.62 -9.12 -5.44
C SER B 572 -11.51 -10.41 -4.62
N LEU B 573 -10.39 -11.12 -4.76
CA LEU B 573 -10.15 -12.31 -3.93
C LEU B 573 -10.01 -11.94 -2.46
N GLY B 574 -9.34 -10.83 -2.17
CA GLY B 574 -9.20 -10.41 -0.78
C GLY B 574 -10.51 -9.93 -0.18
N PHE B 575 -11.33 -9.24 -0.98
CA PHE B 575 -12.65 -8.85 -0.52
C PHE B 575 -13.55 -10.07 -0.30
N LEU B 576 -13.41 -11.09 -1.15
CA LEU B 576 -14.20 -12.31 -0.97
C LEU B 576 -13.77 -13.06 0.28
N SER B 577 -12.47 -13.06 0.59
CA SER B 577 -12.00 -13.69 1.83
C SER B 577 -12.48 -12.92 3.05
N TRP B 578 -12.49 -11.59 2.97
CA TRP B 578 -12.98 -10.77 4.09
C TRP B 578 -14.47 -11.00 4.34
N VAL B 579 -15.28 -11.04 3.28
CA VAL B 579 -16.71 -11.31 3.43
C VAL B 579 -16.94 -12.74 3.92
N GLY B 580 -16.12 -13.68 3.45
CA GLY B 580 -16.29 -15.06 3.85
C GLY B 580 -15.92 -15.32 5.30
N SER B 581 -14.99 -14.55 5.85
CA SER B 581 -14.65 -14.70 7.27
C SER B 581 -15.80 -14.31 8.19
N ILE B 582 -16.69 -13.42 7.73
CA ILE B 582 -17.89 -13.09 8.49
C ILE B 582 -18.98 -14.10 8.21
N THR B 583 -19.18 -14.44 6.92
CA THR B 583 -20.32 -15.25 6.51
C THR B 583 -20.21 -16.69 7.00
N SER B 584 -19.02 -17.30 6.87
CA SER B 584 -18.86 -18.68 7.30
C SER B 584 -18.94 -18.80 8.82
N SER B 585 -18.45 -17.82 9.56
CA SER B 585 -18.55 -17.85 11.01
C SER B 585 -20.00 -17.69 11.47
N ALA B 586 -20.75 -16.82 10.80
CA ALA B 586 -22.17 -16.68 11.11
C ALA B 586 -22.95 -17.95 10.77
N LEU B 587 -22.59 -18.62 9.67
CA LEU B 587 -23.27 -19.87 9.31
C LEU B 587 -22.94 -20.98 10.30
N VAL B 588 -21.68 -21.07 10.74
CA VAL B 588 -21.27 -22.10 11.69
C VAL B 588 -21.92 -21.86 13.04
N TYR B 589 -22.07 -20.61 13.48
CA TYR B 589 -22.82 -20.36 14.69
C TYR B 589 -24.31 -20.66 14.54
N MET B 590 -24.91 -20.29 13.41
CA MET B 590 -26.36 -20.43 13.28
C MET B 590 -26.81 -21.87 13.03
N PHE B 591 -25.95 -22.72 12.47
CA PHE B 591 -26.43 -23.99 11.95
C PHE B 591 -25.64 -25.21 12.44
N SER B 592 -24.84 -25.07 13.48
CA SER B 592 -24.18 -26.23 14.06
C SER B 592 -24.98 -26.76 15.25
N ASN B 593 -25.00 -28.08 15.39
CA ASN B 593 -25.70 -28.83 16.44
C ASN B 593 -27.19 -28.48 16.53
N THR B 604 -33.85 -21.26 19.81
CA THR B 604 -33.18 -20.01 20.16
C THR B 604 -31.99 -19.77 19.24
N ILE B 605 -31.54 -18.52 19.17
CA ILE B 605 -30.39 -18.19 18.33
C ILE B 605 -29.35 -17.45 19.16
N ARG B 606 -29.78 -16.86 20.28
CA ARG B 606 -28.93 -16.09 21.22
C ARG B 606 -28.16 -14.99 20.49
N CYS B 607 -28.93 -13.99 20.01
CA CYS B 607 -28.49 -12.97 19.06
C CYS B 607 -27.31 -12.11 19.51
N TRP B 608 -26.97 -12.11 20.80
CA TRP B 608 -25.74 -11.44 21.22
C TRP B 608 -24.51 -12.26 20.85
N ALA B 609 -24.59 -13.58 20.95
CA ALA B 609 -23.43 -14.42 20.66
C ALA B 609 -23.16 -14.50 19.17
N LEU B 610 -24.18 -14.36 18.33
CA LEU B 610 -23.99 -14.33 16.88
C LEU B 610 -23.21 -13.10 16.46
N LEU B 611 -23.60 -11.94 16.95
CA LEU B 611 -22.88 -10.72 16.64
C LEU B 611 -21.61 -10.56 17.47
N LEU B 612 -21.37 -11.45 18.45
CA LEU B 612 -20.06 -11.54 19.06
C LEU B 612 -19.09 -12.38 18.23
N THR B 613 -19.55 -13.53 17.72
CA THR B 613 -18.70 -14.38 16.90
C THR B 613 -18.59 -13.88 15.47
N ILE B 614 -19.37 -12.88 15.07
CA ILE B 614 -19.07 -12.16 13.84
C ILE B 614 -17.89 -11.22 14.06
N PHE B 615 -17.96 -10.43 15.14
CA PHE B 615 -16.95 -9.41 15.46
C PHE B 615 -15.59 -10.04 15.71
N PHE B 616 -15.55 -11.08 16.56
CA PHE B 616 -14.27 -11.67 16.94
C PHE B 616 -13.65 -12.44 15.78
N SER B 617 -14.48 -13.09 14.95
CA SER B 617 -13.92 -13.83 13.82
C SER B 617 -13.42 -12.89 12.73
N GLU B 618 -14.11 -11.75 12.51
CA GLU B 618 -13.62 -10.79 11.53
C GLU B 618 -12.31 -10.16 11.97
N HIS B 619 -12.19 -9.78 13.25
CA HIS B 619 -10.95 -9.14 13.67
C HIS B 619 -9.83 -10.15 13.88
N LEU B 620 -10.16 -11.41 14.18
CA LEU B 620 -9.15 -12.46 14.16
C LEU B 620 -8.68 -12.74 12.75
N TYR B 621 -9.57 -12.65 11.75
CA TYR B 621 -9.17 -12.76 10.36
C TYR B 621 -8.21 -11.64 9.98
N LEU B 622 -8.49 -10.41 10.41
CA LEU B 622 -7.61 -9.29 10.07
C LEU B 622 -6.24 -9.42 10.74
N ILE B 623 -6.22 -9.86 12.00
CA ILE B 623 -4.96 -10.05 12.72
C ILE B 623 -4.13 -11.18 12.09
N VAL B 624 -4.78 -12.30 11.77
CA VAL B 624 -4.07 -13.44 11.19
C VAL B 624 -3.61 -13.11 9.76
N ARG B 625 -4.38 -12.30 9.02
CA ARG B 625 -3.96 -11.89 7.69
C ARG B 625 -2.75 -10.96 7.74
N TYR B 626 -2.73 -10.05 8.70
CA TYR B 626 -1.55 -9.20 8.91
C TYR B 626 -0.33 -10.03 9.30
N ALA B 627 -0.54 -11.06 10.14
CA ALA B 627 0.56 -11.91 10.55
C ALA B 627 1.11 -12.74 9.39
N VAL B 628 0.23 -13.28 8.56
CA VAL B 628 0.66 -14.10 7.42
C VAL B 628 1.36 -13.23 6.38
N ARG B 629 0.87 -12.01 6.16
CA ARG B 629 1.52 -11.10 5.23
C ARG B 629 2.89 -10.67 5.72
N SER B 630 3.02 -10.37 7.02
CA SER B 630 4.31 -9.99 7.56
C SER B 630 5.28 -11.16 7.64
N ALA B 631 4.77 -12.39 7.76
CA ALA B 631 5.65 -13.55 7.75
C ALA B 631 6.10 -13.91 6.35
N LEU B 632 5.26 -13.69 5.35
CA LEU B 632 5.66 -13.97 3.98
C LEU B 632 6.47 -12.84 3.36
N ALA B 633 6.44 -11.64 3.95
CA ALA B 633 7.31 -10.57 3.48
C ALA B 633 8.75 -10.81 3.89
N LYS B 634 8.94 -11.55 4.98
CA LYS B 634 10.29 -11.85 5.52
C LYS B 634 11.02 -12.81 4.57
N LEU B 635 10.37 -13.91 4.21
CA LEU B 635 10.96 -14.92 3.33
C LEU B 635 10.98 -14.39 1.89
N GLU B 636 12.17 -14.29 1.32
CA GLU B 636 12.33 -13.70 -0.01
C GLU B 636 12.36 -14.78 -1.08
N PRO B 637 11.59 -14.62 -2.16
CA PRO B 637 11.65 -15.56 -3.28
C PRO B 637 13.00 -15.49 -3.98
N PRO B 638 13.42 -16.54 -4.70
CA PRO B 638 14.78 -16.54 -5.25
C PRO B 638 14.99 -15.61 -6.42
N ASN B 639 14.03 -15.54 -7.36
CA ASN B 639 14.25 -14.76 -8.56
C ASN B 639 14.02 -13.27 -8.37
N THR B 640 13.50 -12.86 -7.21
CA THR B 640 13.54 -11.44 -6.85
C THR B 640 14.67 -11.14 -5.88
N ARG B 641 15.30 -12.16 -5.32
CA ARG B 641 16.54 -11.97 -4.57
C ARG B 641 17.74 -11.84 -5.50
N ARG B 642 17.73 -12.57 -6.62
CA ARG B 642 18.79 -12.44 -7.61
C ARG B 642 18.79 -11.05 -8.25
N GLU B 643 17.60 -10.50 -8.51
CA GLU B 643 17.49 -9.14 -9.04
C GLU B 643 17.94 -8.10 -8.03
N ARG B 644 17.65 -8.30 -6.74
CA ARG B 644 18.10 -7.37 -5.72
C ARG B 644 19.62 -7.44 -5.54
N ILE B 645 20.19 -8.64 -5.63
CA ILE B 645 21.64 -8.80 -5.54
C ILE B 645 22.32 -8.15 -6.74
N GLU B 646 21.75 -8.32 -7.93
CA GLU B 646 22.32 -7.70 -9.13
C GLU B 646 22.21 -6.18 -9.09
N ARG B 647 21.08 -5.65 -8.61
CA ARG B 647 20.94 -4.20 -8.50
C ARG B 647 21.77 -3.63 -7.37
N PHE B 648 22.13 -4.45 -6.38
CA PHE B 648 23.05 -4.00 -5.34
C PHE B 648 24.49 -3.97 -5.85
N MET B 649 24.89 -4.99 -6.60
CA MET B 649 26.26 -5.02 -7.11
C MET B 649 26.48 -4.00 -8.21
N MET B 650 25.46 -3.73 -9.02
CA MET B 650 25.56 -2.70 -10.05
C MET B 650 25.68 -1.30 -9.48
N ARG B 651 25.16 -1.07 -8.28
CA ARG B 651 25.36 0.20 -7.57
C ARG B 651 26.67 0.25 -6.81
N LYS B 652 27.08 -0.87 -6.21
CA LYS B 652 28.35 -0.92 -5.49
C LYS B 652 29.55 -0.76 -6.40
N ARG B 653 29.50 -1.32 -7.61
CA ARG B 653 30.58 -1.13 -8.59
C ARG B 653 30.70 0.32 -9.03
N TYR B 654 29.57 0.99 -9.28
CA TYR B 654 29.58 2.40 -9.66
C TYR B 654 30.06 3.28 -8.52
N LEU B 655 29.65 2.96 -7.29
CA LEU B 655 30.08 3.75 -6.14
C LEU B 655 31.56 3.55 -5.83
N ASP B 656 32.08 2.32 -6.02
CA ASP B 656 33.52 2.13 -5.89
C ASP B 656 34.30 2.70 -7.06
N THR B 657 33.64 2.91 -8.21
CA THR B 657 34.28 3.59 -9.32
C THR B 657 34.43 5.08 -9.04
N VAL B 658 33.37 5.72 -8.56
CA VAL B 658 33.43 7.18 -8.34
C VAL B 658 34.26 7.57 -7.12
N LEU B 659 34.65 6.62 -6.27
CA LEU B 659 35.58 6.92 -5.20
C LEU B 659 36.63 5.83 -5.06
N THR B 702 38.15 34.92 12.50
CA THR B 702 37.41 34.02 11.61
C THR B 702 38.37 33.11 10.84
N GLU B 703 39.17 33.71 9.97
CA GLU B 703 40.14 32.96 9.20
C GLU B 703 41.43 32.68 9.97
N ARG B 704 41.73 33.47 11.00
CA ARG B 704 42.90 33.23 11.84
C ARG B 704 42.68 32.11 12.84
N PHE B 705 41.44 31.65 13.00
CA PHE B 705 41.16 30.49 13.85
C PHE B 705 41.68 29.20 13.23
N TRP B 706 41.59 29.07 11.92
CA TRP B 706 42.07 27.88 11.21
C TRP B 706 43.49 28.08 10.69
N MET B 707 44.39 28.54 11.56
CA MET B 707 45.79 28.71 11.18
C MET B 707 46.77 28.24 12.24
N ARG B 708 46.33 27.99 13.47
CA ARG B 708 47.24 27.63 14.54
C ARG B 708 47.72 26.19 14.47
N GLN B 709 47.06 25.35 13.68
CA GLN B 709 47.41 23.92 13.56
C GLN B 709 47.35 23.54 12.09
N ARG B 710 48.48 23.63 11.40
CA ARG B 710 48.53 23.20 10.01
C ARG B 710 48.70 21.69 9.93
N GLY B 711 47.94 21.07 9.03
CA GLY B 711 47.99 19.62 8.92
C GLY B 711 47.23 18.97 10.07
N TRP B 712 47.60 17.72 10.37
CA TRP B 712 47.01 17.00 11.49
C TRP B 712 48.01 16.52 12.52
N LYS B 713 49.31 16.43 12.20
CA LYS B 713 50.29 16.01 13.18
C LYS B 713 50.50 17.09 14.23
N GLU B 714 50.39 18.36 13.83
CA GLU B 714 50.42 19.45 14.79
C GLU B 714 49.17 19.44 15.66
N SER B 715 48.03 19.04 15.09
CA SER B 715 46.81 18.88 15.89
C SER B 715 46.95 17.76 16.90
N ALA B 716 47.64 16.68 16.51
CA ALA B 716 47.90 15.59 17.45
C ALA B 716 48.88 16.02 18.53
N GLU B 717 49.83 16.90 18.19
CA GLU B 717 50.75 17.43 19.19
C GLU B 717 50.02 18.32 20.20
N VAL B 718 49.11 19.17 19.72
CA VAL B 718 48.30 20.00 20.61
C VAL B 718 47.39 19.14 21.48
N GLY B 719 46.85 18.05 20.91
CA GLY B 719 46.05 17.11 21.68
C GLY B 719 46.82 16.41 22.78
N LEU B 720 48.02 15.92 22.46
CA LEU B 720 48.84 15.24 23.46
C LEU B 720 49.36 16.22 24.50
N SER B 721 49.51 17.50 24.14
CA SER B 721 49.88 18.49 25.13
C SER B 721 48.69 18.88 26.00
N LEU B 722 47.47 18.77 25.46
CA LEU B 722 46.28 19.19 26.17
C LEU B 722 45.69 18.11 27.07
N ILE B 723 45.94 16.84 26.79
CA ILE B 723 45.51 15.79 27.71
C ILE B 723 46.32 15.83 29.00
N THR B 724 47.64 15.85 28.90
CA THR B 724 48.49 15.93 30.07
C THR B 724 48.67 17.38 30.52
P PGW C . -30.11 2.91 25.67
C01 PGW C . -31.73 4.55 22.10
C1 PGW C . -33.35 1.73 21.03
O01 PGW C . -32.23 2.21 21.76
C02 PGW C . -32.50 3.32 22.60
C2 PGW C . -33.15 1.01 19.68
O02 PGW C . -34.44 1.88 21.46
C03 PGW C . -32.10 3.01 24.02
C3 PGW C . -32.29 1.89 18.74
O03 PGW C . -31.27 4.30 20.81
C4 PGW C . -31.55 0.99 17.73
O04 PGW C . -30.30 6.34 20.84
C5 PGW C . -30.35 1.75 17.17
C06 PGW C . -25.71 2.61 13.08
C6 PGW C . -29.32 0.76 16.60
C07 PGW C . -24.90 3.63 12.25
C7 PGW C . -29.29 0.86 15.08
C8 PGW C . -27.99 1.59 14.62
C9 PGW C . -28.14 2.00 13.15
C10 PGW C . -27.11 2.47 12.45
O11 PGW C . -30.77 3.26 24.22
O12 PGW C . -29.51 1.40 25.66
O13 PGW C . -31.17 3.02 26.74
O14 PGW C . -29.01 3.88 25.97
C15 PGW C . -21.97 6.60 13.91
C16 PGW C . -20.59 6.26 14.44
C17 PGW C . -19.52 6.82 13.53
C18 PGW C . -19.72 6.39 12.10
C19 PGW C . -30.42 5.30 20.29
C20 PGW C . -29.64 5.03 19.01
C21 PGW C . -28.15 5.19 19.28
C22 PGW C . -27.36 4.35 18.29
C23 PGW C . -26.77 5.26 17.20
C24 PGW C . -25.25 5.25 17.30
C25 PGW C . -24.67 5.35 15.87
C26 PGW C . -23.18 5.70 15.92
C27 PGW C . -22.92 6.94 15.06
C28 PGW C . -18.59 6.92 11.24
C30 PGW C . -19.14 7.46 9.93
P PGW D . -8.44 -1.07 -4.00
C01 PGW D . -11.96 -3.76 -5.32
C1 PGW D . -13.32 -0.43 -5.89
O01 PGW D . -13.11 -1.66 -5.22
C02 PGW D . -11.84 -2.24 -5.40
C2 PGW D . -14.57 0.42 -5.54
O02 PGW D . -12.55 -0.05 -6.70
C03 PGW D . -10.91 -1.74 -4.32
C3 PGW D . -15.69 -0.52 -5.08
O03 PGW D . -13.20 -4.15 -5.83
C4 PGW D . -17.00 0.28 -4.89
O04 PGW D . -13.63 -5.29 -3.95
C5 PGW D . -17.59 0.62 -6.27
C06 PGW D . -24.40 -1.63 -5.27
C6 PGW D . -18.99 1.22 -6.10
C7 PGW D . -20.04 0.28 -6.72
C8 PGW D . -20.63 -0.66 -5.63
C9 PGW D . -22.13 -0.86 -5.91
C10 PGW D . -22.90 -1.43 -4.99
O11 PGW D . -9.59 -2.03 -4.63
O12 PGW D . -8.66 -0.95 -2.39
O13 PGW D . -8.53 0.30 -4.63
O14 PGW D . -7.08 -1.67 -4.27
C15 PGW D . -24.09 -6.89 -3.54
C19 PGW D . -14.07 -4.71 -4.89
C20 PGW D . -15.57 -4.55 -5.06
C21 PGW D . -16.22 -4.40 -3.69
C22 PGW D . -17.49 -3.57 -3.80
C23 PGW D . -18.60 -4.41 -4.45
C24 PGW D . -19.46 -5.04 -3.35
C25 PGW D . -20.95 -4.74 -3.65
C26 PGW D . -21.82 -5.91 -3.17
C27 PGW D . -22.93 -6.16 -4.21
CAD PGW E . -14.80 2.71 -10.14
OAE PGW E . -14.28 1.59 -9.47
OAF PGW E . -12.44 3.07 -10.15
P PGW E . -12.26 6.17 -8.53
C01 PGW E . -15.42 6.18 -4.62
O01 PGW E . -16.38 5.82 -6.79
C02 PGW E . -15.20 5.65 -6.03
C03 PGW E . -14.06 6.41 -6.69
O03 PGW E . -16.67 5.78 -4.14
C04 PGW E . -13.84 5.02 -10.22
O04 PGW E . -15.66 4.08 -3.08
C05 PGW E . -13.65 3.56 -10.66
O11 PGW E . -13.34 5.55 -7.48
O12 PGW E . -12.60 5.61 -10.02
O13 PGW E . -10.87 5.74 -8.13
O14 PGW E . -12.34 7.67 -8.51
C19 PGW E . -16.65 4.73 -3.22
C20 PGW E . -17.88 4.43 -2.38
C21 PGW E . -18.27 2.96 -2.57
C22 PGW E . -19.16 2.53 -1.42
C23 PGW E . -20.07 1.37 -1.88
C24 PGW E . -21.54 1.80 -1.73
C25 PGW E . -21.96 1.64 -0.25
P PGW F . -9.21 -1.16 2.79
C01 PGW F . -13.18 -1.10 1.54
C1 PGW F . -14.50 -3.67 3.51
O01 PGW F . -13.49 -3.23 2.60
C02 PGW F . -13.04 -1.90 2.83
C2 PGW F . -14.75 -5.19 3.69
O02 PGW F . -15.14 -2.89 4.12
C03 PGW F . -11.62 -1.94 3.30
C3 PGW F . -15.98 -5.38 4.59
O03 PGW F . -14.48 -1.24 1.04
C4 PGW F . -16.53 -6.81 4.45
O04 PGW F . -13.71 -0.60 -0.97
C5 PGW F . -17.96 -6.85 5.01
C06 PGW F . -22.28 -1.36 6.04
C6 PGW F . -18.86 -5.98 4.11
C07 PGW F . -22.89 -0.12 5.37
C7 PGW F . -20.18 -5.69 4.82
C8 PGW F . -20.85 -4.46 4.14
C9 PGW F . -21.49 -3.56 5.21
C10 PGW F . -21.65 -2.26 4.97
O11 PGW F . -10.82 -1.06 2.61
O12 PGW F . -8.59 -2.19 1.67
O13 PGW F . -8.90 -1.69 4.17
O14 PGW F . -8.59 0.20 2.62
C19 PGW F . -14.64 -0.89 -0.30
C20 PGW F . -16.04 -0.89 -0.91
C21 PGW F . -16.90 -1.92 -0.18
C22 PGW F . -18.37 -1.64 -0.46
C23 PGW F . -19.23 -2.32 0.62
C24 PGW F . -20.42 -3.03 -0.05
C25 PGW F . -21.65 -2.11 -0.02
P PGW G . 1.66 -1.27 9.16
C01 PGW G . 1.13 0.03 13.57
C1 PGW G . 2.74 -3.22 13.94
O01 PGW G . 1.67 -2.27 13.93
C02 PGW G . 1.83 -1.21 13.01
C2 PGW G . 2.56 -4.56 14.69
O02 PGW G . 3.77 -2.97 13.40
C03 PGW G . 1.22 -1.60 11.69
C3 PGW G . 1.56 -4.35 15.85
O03 PGW G . 1.20 0.01 14.96
C4 PGW G . 1.49 -5.63 16.70
O04 PGW G . -1.02 0.24 15.10
C5 PGW G . 2.74 -5.73 17.57
C06 PGW G . -0.28 -6.87 24.04
C6 PGW G . 2.58 -6.87 18.59
C7 PGW G . 2.58 -6.30 20.01
C8 PGW G . 1.11 -6.07 20.49
C9 PGW G . 1.01 -6.41 21.97
C10 PGW G . -0.18 -6.53 22.55
O11 PGW G . 1.63 -0.72 10.70
O12 PGW G . 0.23 -1.96 8.81
O13 PGW G . 2.77 -2.29 9.02
O14 PGW G . 1.91 -0.12 8.22
C15 PGW G . -3.92 -2.75 24.84
C19 PGW G . -0.03 -0.15 15.61
C20 PGW G . -0.07 -0.84 16.97
C21 PGW G . -1.37 -1.66 17.06
C22 PGW G . -1.14 -2.85 17.98
C23 PGW G . -1.11 -2.38 19.44
C24 PGW G . -2.50 -2.53 20.06
C25 PGW G . -2.39 -3.30 21.40
C26 PGW G . -3.44 -2.78 22.39
C27 PGW G . -2.82 -2.71 23.79
CAD PGW H . 7.57 -5.21 15.65
OAE PGW H . 6.60 -4.23 15.33
OAF PGW H . 8.14 -4.55 13.44
P PGW H . 7.98 -7.65 11.80
C01 PGW H . 3.92 -10.14 13.38
O01 PGW H . 5.54 -9.56 15.05
C02 PGW H . 5.01 -9.16 13.80
C03 PGW H . 6.10 -9.16 12.76
O03 PGW H . 3.11 -10.46 14.47
C04 PGW H . 8.74 -6.77 14.11
O04 PGW H . 1.64 -8.91 13.76
C05 PGW H . 8.58 -5.30 14.53
O11 PGW H . 6.59 -7.88 12.63
O12 PGW H . 9.03 -6.84 12.76
O13 PGW H . 7.70 -6.84 10.55
O14 PGW H . 8.56 -8.98 11.40
C19 PGW H . 1.86 -9.83 14.48
C20 PGW H . 0.76 -10.32 15.42
C21 PGW H . 0.27 -9.16 16.27
C22 PGW H . -1.11 -9.51 16.84
C23 PGW H . -1.32 -8.74 18.15
C24 PGW H . -1.55 -9.74 19.29
C25 PGW H . -3.01 -10.25 19.26
P PGW I . -4.60 -3.60 7.71
C01 PGW I . -4.15 -4.88 11.66
C1 PGW I . -7.21 -3.81 12.99
O01 PGW I . -6.03 -3.52 12.25
C02 PGW I . -5.62 -4.54 11.38
C2 PGW I . -8.03 -2.66 13.63
O02 PGW I . -7.55 -4.92 13.15
C03 PGW I . -5.80 -4.06 9.94
C3 PGW I . -9.14 -3.28 14.51
O03 PGW I . -4.01 -5.14 13.02
C4 PGW I . -9.70 -2.22 15.49
O04 PGW I . -1.80 -4.74 12.78
C5 PGW I . -10.46 -2.94 16.60
C06 PGW I . -9.93 -9.73 18.47
C6 PGW I . -9.46 -3.78 17.43
C07 PGW I . -8.92 -10.85 18.84
C7 PGW I . -10.22 -4.79 18.30
C8 PGW I . -9.23 -5.90 18.74
C9 PGW I . -9.93 -7.27 18.69
C10 PGW I . -9.23 -8.38 18.51
O11 PGW I . -4.67 -4.28 9.19
O12 PGW I . -3.90 -2.13 7.84
O13 PGW I . -5.99 -3.46 7.16
O14 PGW I . -3.77 -4.47 6.81
C19 PGW I . -2.69 -5.08 13.50
C20 PGW I . -2.39 -5.47 14.94
C21 PGW I . -3.61 -5.15 15.80
C22 PGW I . -3.52 -5.90 17.12
C23 PGW I . -4.91 -5.99 17.75
C24 PGW I . -4.82 -5.65 19.25
C25 PGW I . -4.70 -6.96 20.06
P PGW J . -27.23 -22.66 17.91
C01 PGW J . -23.65 -23.63 20.00
C1 PGW J . -24.13 -21.54 22.66
O01 PGW J . -24.39 -21.72 21.27
C02 PGW J . -24.74 -23.04 20.91
C2 PGW J . -23.18 -20.42 23.13
O02 PGW J . -24.65 -22.24 23.45
C03 PGW J . -26.07 -23.04 20.20
C3 PGW J . -21.83 -20.54 22.40
O03 PGW J . -22.51 -22.83 20.07
C4 PGW J . -21.15 -19.15 22.33
O04 PGW J . -21.54 -24.20 18.56
C5 PGW J . -20.12 -19.14 21.20
C06 PGW J . -15.27 -16.74 18.08
C6 PGW J . -19.84 -17.70 20.77
C07 PGW J . -13.98 -17.02 17.31
C7 PGW J . -18.42 -17.30 21.19
C8 PGW J . -17.48 -17.26 19.94
C9 PGW J . -16.02 -17.23 20.42
C10 PGW J . -15.02 -16.98 19.58
O11 PGW J . -25.89 -22.78 18.86
O12 PGW J . -27.72 -21.11 17.85
O13 PGW J . -28.33 -23.51 18.50
O14 PGW J . -26.89 -23.15 16.54
C15 PGW J . -13.73 -18.91 13.24
C16 PGW J . -14.10 -18.22 11.92
C17 PGW J . -12.86 -17.98 11.09
C18 PGW J . -11.79 -17.24 11.86
C19 PGW J . -21.49 -23.18 19.17
C20 PGW J . -20.31 -22.24 18.96
C21 PGW J . -20.23 -21.86 17.49
C22 PGW J . -19.54 -20.51 17.35
C23 PGW J . -18.09 -20.73 16.89
C24 PGW J . -17.90 -20.13 15.50
C25 PGW J . -16.48 -19.53 15.42
C26 PGW J . -16.12 -19.23 13.95
C27 PGW J . -14.79 -19.94 13.61
C28 PGW J . -10.60 -16.99 10.95
C30 PGW J . -9.31 -17.26 11.70
#